data_4TPG
#
_entry.id   4TPG
#
_cell.length_a   82.890
_cell.length_b   108.090
_cell.length_c   206.830
_cell.angle_alpha   90.00
_cell.angle_beta   90.00
_cell.angle_gamma   90.00
#
_symmetry.space_group_name_H-M   'P 21 21 21'
#
loop_
_entity.id
_entity.type
_entity.pdbx_description
1 polymer 'Proton:oligopeptide symporter POT family'
2 polymer Ala-L-3-Br-Tyr-Ala
3 non-polymer 'ZINC ION'
4 non-polymer DODECYL-BETA-D-MALTOSIDE
#
loop_
_entity_poly.entity_id
_entity_poly.type
_entity_poly.pdbx_seq_one_letter_code
_entity_poly.pdbx_strand_id
1 'polypeptide(L)'
;MTLGTNQVSKTHSFMTVSLIELWERFGYYGMQALIVYFMVQRLGFDDSRANLVWSACAALIYVSPAIGGWVGDKILGTKR
TMLLGAGILSVGYALMTVPTENTWFMFSALGVIVVGNGLFKPNAGNLVRKIYEGDDSKIDSAFTIYYMAVNVGSTFSMLL
TPWIKDYVNAQYGNEFGWHAAFAVCCVGILVGLGNYALMHKSLANYGSEPDTRPVNKKSLAIVLALAALSVVASAIILEY
EDVARVFVYAAGVAVLGIFFHLIRTSEPSERAGLIAALILTVQTVFFFIFYQQMSTSLALFALRNVDWDFQVFGTHLWTW
SPAQFQALNPIWIMVLSPVLAWSYSWAGRNNKDFSIAAKFALGFAVVAIGFFIYGFAGQFAVNGKTSSWVMIWGYASYSL
GELLVSGLGLAMIARYVPARMGGFMMGAYFVASGISQYLGGVVANFASVPQDLVDPLQTLPVYTNLFNKLGVAAVVCTII
ALAVLPLMRRLTESHHAHSSIENNAAASLRDVKAEQAENLYFQ
;
A,B
2 'polypeptide(L)' A(DBY)A E
#
loop_
_chem_comp.id
_chem_comp.type
_chem_comp.name
_chem_comp.formula
LMT D-saccharide DODECYL-BETA-D-MALTOSIDE 'C24 H46 O11'
ZN non-polymer 'ZINC ION' 'Zn 2'
#
# COMPACT_ATOMS: atom_id res chain seq x y z
N VAL A 8 17.91 8.50 46.15
CA VAL A 8 16.53 8.62 46.62
C VAL A 8 15.65 7.52 46.04
N SER A 9 15.43 7.59 44.72
CA SER A 9 14.64 6.58 44.02
C SER A 9 15.07 6.53 42.56
N LYS A 10 14.66 5.48 41.86
CA LYS A 10 14.93 5.37 40.44
C LYS A 10 13.88 6.18 39.69
N THR A 11 12.67 6.16 40.21
CA THR A 11 11.55 6.90 39.65
C THR A 11 11.79 8.40 39.73
N HIS A 12 12.45 8.84 40.80
CA HIS A 12 12.78 10.26 40.96
C HIS A 12 13.81 10.71 39.93
N SER A 13 14.86 9.91 39.75
CA SER A 13 15.90 10.21 38.78
C SER A 13 15.31 10.26 37.36
N PHE A 14 14.57 9.21 37.01
CA PHE A 14 13.90 9.16 35.72
C PHE A 14 12.96 10.37 35.57
N MET A 15 12.41 10.81 36.68
CA MET A 15 11.53 11.97 36.67
C MET A 15 12.28 13.24 36.30
N THR A 16 13.44 13.45 36.93
CA THR A 16 14.21 14.66 36.65
C THR A 16 14.72 14.66 35.20
N VAL A 17 15.18 13.49 34.72
CA VAL A 17 15.76 13.47 33.39
C VAL A 17 14.65 13.60 32.35
N SER A 18 13.47 13.04 32.64
CA SER A 18 12.33 13.18 31.75
C SER A 18 11.82 14.62 31.76
N LEU A 19 12.02 15.31 32.87
CA LEU A 19 11.58 16.70 33.01
C LEU A 19 12.46 17.63 32.18
N ILE A 20 13.77 17.59 32.44
CA ILE A 20 14.70 18.42 31.69
C ILE A 20 14.64 18.08 30.19
N GLU A 21 14.46 16.79 29.89
CA GLU A 21 14.23 16.36 28.52
C GLU A 21 13.01 17.06 27.93
N LEU A 22 11.90 16.98 28.67
CA LEU A 22 10.64 17.59 28.26
C LEU A 22 10.82 19.05 27.89
N TRP A 23 11.52 19.80 28.74
CA TRP A 23 11.70 21.22 28.47
C TRP A 23 12.64 21.49 27.31
N GLU A 24 13.68 20.67 27.17
CA GLU A 24 14.57 20.79 26.02
C GLU A 24 13.77 20.65 24.74
N ARG A 25 13.01 19.57 24.64
CA ARG A 25 12.22 19.28 23.45
C ARG A 25 11.17 20.37 23.23
N PHE A 26 10.62 20.88 24.33
CA PHE A 26 9.73 22.02 24.32
C PHE A 26 10.38 23.16 23.52
N GLY A 27 11.58 23.55 23.95
CA GLY A 27 12.33 24.57 23.24
C GLY A 27 12.53 24.24 21.77
N TYR A 28 13.14 23.09 21.52
CA TYR A 28 13.51 22.68 20.17
C TYR A 28 12.35 22.71 19.19
N TYR A 29 11.29 21.99 19.51
CA TYR A 29 10.14 21.92 18.61
C TYR A 29 9.40 23.25 18.56
N GLY A 30 9.47 23.99 19.66
CA GLY A 30 8.98 25.35 19.70
C GLY A 30 9.63 26.17 18.60
N MET A 31 10.90 25.86 18.31
CA MET A 31 11.61 26.54 17.23
C MET A 31 11.32 25.93 15.85
N GLN A 32 11.35 24.60 15.76
CA GLN A 32 11.15 23.91 14.49
C GLN A 32 9.79 24.25 13.87
N ALA A 33 8.77 24.38 14.72
CA ALA A 33 7.43 24.68 14.25
C ALA A 33 7.38 26.01 13.49
N LEU A 34 8.28 26.92 13.83
CA LEU A 34 8.25 28.27 13.27
C LEU A 34 9.42 28.59 12.32
N ILE A 35 10.44 27.72 12.26
CA ILE A 35 11.66 28.07 11.55
C ILE A 35 11.47 28.26 10.04
N VAL A 36 10.70 27.38 9.40
CA VAL A 36 10.53 27.45 7.96
C VAL A 36 9.72 28.69 7.61
N TYR A 37 8.66 28.91 8.38
CA TYR A 37 7.80 30.07 8.18
C TYR A 37 8.58 31.35 8.42
N PHE A 38 9.59 31.27 9.29
CA PHE A 38 10.45 32.41 9.55
C PHE A 38 11.30 32.69 8.32
N MET A 39 11.89 31.62 7.78
CA MET A 39 12.77 31.75 6.63
C MET A 39 12.00 32.22 5.38
N VAL A 40 10.71 31.93 5.32
CA VAL A 40 9.91 32.26 4.15
C VAL A 40 9.19 33.61 4.26
N GLN A 41 8.54 33.85 5.40
CA GLN A 41 7.70 35.02 5.58
C GLN A 41 8.46 36.23 6.09
N ARG A 42 9.23 36.03 7.16
CA ARG A 42 9.96 37.15 7.76
C ARG A 42 11.24 37.42 7.00
N LEU A 43 12.05 36.37 6.82
CA LEU A 43 13.14 36.44 5.85
C LEU A 43 12.54 36.33 4.45
N GLY A 44 13.37 36.50 3.43
CA GLY A 44 12.87 36.55 2.07
C GLY A 44 13.13 35.28 1.28
N PHE A 45 13.59 34.24 1.96
CA PHE A 45 13.99 32.99 1.31
C PHE A 45 12.84 32.38 0.51
N ASP A 46 13.18 31.81 -0.63
CA ASP A 46 12.25 31.00 -1.40
C ASP A 46 12.22 29.59 -0.82
N ASP A 47 11.10 28.90 -1.01
CA ASP A 47 10.85 27.65 -0.30
C ASP A 47 11.86 26.55 -0.65
N SER A 48 12.51 26.68 -1.80
CA SER A 48 13.55 25.72 -2.18
C SER A 48 14.72 25.81 -1.21
N ARG A 49 15.23 27.02 -1.03
CA ARG A 49 16.34 27.25 -0.13
C ARG A 49 15.92 26.95 1.30
N ALA A 50 14.70 27.32 1.66
CA ALA A 50 14.18 27.02 2.99
C ALA A 50 14.24 25.52 3.27
N ASN A 51 13.74 24.73 2.31
CA ASN A 51 13.75 23.27 2.43
C ASN A 51 15.17 22.73 2.56
N LEU A 52 16.02 23.06 1.59
CA LEU A 52 17.39 22.53 1.57
C LEU A 52 18.17 22.91 2.83
N VAL A 53 18.02 24.15 3.26
CA VAL A 53 18.74 24.66 4.43
C VAL A 53 18.25 23.99 5.70
N TRP A 54 16.94 24.05 5.94
CA TRP A 54 16.39 23.46 7.16
C TRP A 54 16.66 21.97 7.24
N SER A 55 16.68 21.30 6.09
CA SER A 55 16.90 19.86 6.07
C SER A 55 18.37 19.53 6.27
N ALA A 56 19.25 20.39 5.77
CA ALA A 56 20.67 20.25 6.02
C ALA A 56 20.94 20.38 7.52
N CYS A 57 20.34 21.39 8.12
CA CYS A 57 20.43 21.64 9.54
C CYS A 57 19.90 20.46 10.35
N ALA A 58 18.80 19.88 9.86
CA ALA A 58 18.19 18.72 10.51
C ALA A 58 19.15 17.54 10.49
N ALA A 59 19.74 17.31 9.31
CA ALA A 59 20.72 16.24 9.15
C ALA A 59 21.86 16.42 10.14
N LEU A 60 22.36 17.65 10.24
CA LEU A 60 23.41 17.98 11.19
C LEU A 60 22.98 17.65 12.62
N ILE A 61 21.79 18.12 13.01
CA ILE A 61 21.26 17.87 14.35
C ILE A 61 21.15 16.38 14.67
N TYR A 62 20.77 15.58 13.68
CA TYR A 62 20.52 14.16 13.93
C TYR A 62 21.80 13.33 13.84
N VAL A 63 22.84 13.88 13.23
CA VAL A 63 24.11 13.15 13.14
C VAL A 63 25.07 13.64 14.22
N SER A 64 24.72 14.77 14.83
CA SER A 64 25.53 15.41 15.86
C SER A 64 25.68 14.59 17.15
N PRO A 65 24.59 13.96 17.65
CA PRO A 65 24.74 13.28 18.95
C PRO A 65 25.74 12.13 18.92
N ALA A 66 26.17 11.73 17.73
CA ALA A 66 27.17 10.69 17.59
C ALA A 66 28.45 11.07 18.35
N ILE A 67 28.97 12.26 18.05
CA ILE A 67 30.15 12.77 18.70
C ILE A 67 29.83 13.14 20.15
N GLY A 68 28.68 13.79 20.35
CA GLY A 68 28.28 14.28 21.65
C GLY A 68 28.10 13.17 22.67
N GLY A 69 27.69 12.00 22.21
CA GLY A 69 27.49 10.87 23.08
C GLY A 69 28.81 10.35 23.64
N TRP A 70 29.82 10.31 22.79
CA TRP A 70 31.14 9.83 23.18
C TRP A 70 31.83 10.80 24.15
N VAL A 71 31.52 12.08 24.04
CA VAL A 71 32.13 13.09 24.89
C VAL A 71 31.68 12.96 26.34
N GLY A 72 30.38 12.71 26.54
CA GLY A 72 29.82 12.62 27.87
C GLY A 72 30.24 11.34 28.56
N ASP A 73 30.56 10.34 27.74
CA ASP A 73 30.98 9.05 28.27
C ASP A 73 32.48 9.02 28.54
N LYS A 74 33.27 9.60 27.64
CA LYS A 74 34.72 9.37 27.67
C LYS A 74 35.60 10.60 27.96
N ILE A 75 35.01 11.79 28.07
CA ILE A 75 35.82 12.98 28.33
C ILE A 75 35.29 13.83 29.48
N LEU A 76 34.10 14.40 29.32
CA LEU A 76 33.48 15.15 30.41
C LEU A 76 32.43 14.27 31.08
N GLY A 77 31.80 14.79 32.13
CA GLY A 77 30.75 14.04 32.79
C GLY A 77 29.52 13.97 31.90
N THR A 78 28.80 12.86 31.95
CA THR A 78 27.58 12.72 31.17
C THR A 78 26.58 13.78 31.61
N LYS A 79 26.48 13.97 32.93
CA LYS A 79 25.68 15.06 33.47
C LYS A 79 26.30 16.41 33.11
N ARG A 80 27.62 16.51 33.27
CA ARG A 80 28.36 17.72 32.88
C ARG A 80 28.07 18.08 31.42
N THR A 81 28.24 17.10 30.53
CA THR A 81 28.03 17.31 29.11
C THR A 81 26.59 17.70 28.82
N MET A 82 25.64 17.02 29.45
CA MET A 82 24.22 17.33 29.30
C MET A 82 23.94 18.79 29.65
N LEU A 83 24.44 19.21 30.81
CA LEU A 83 24.27 20.58 31.27
C LEU A 83 24.88 21.58 30.31
N LEU A 84 26.13 21.32 29.90
CA LEU A 84 26.84 22.18 28.98
C LEU A 84 26.01 22.37 27.71
N GLY A 85 25.48 21.26 27.19
CA GLY A 85 24.60 21.28 26.05
C GLY A 85 23.38 22.15 26.28
N ALA A 86 22.80 22.05 27.47
CA ALA A 86 21.61 22.84 27.81
C ALA A 86 21.92 24.34 27.78
N GLY A 87 23.03 24.71 28.41
CA GLY A 87 23.45 26.11 28.47
C GLY A 87 23.72 26.66 27.08
N ILE A 88 24.51 25.92 26.30
CA ILE A 88 24.82 26.30 24.92
C ILE A 88 23.54 26.47 24.10
N LEU A 89 22.60 25.54 24.28
CA LEU A 89 21.31 25.61 23.61
C LEU A 89 20.61 26.93 23.94
N SER A 90 20.58 27.24 25.24
CA SER A 90 20.01 28.48 25.73
C SER A 90 20.65 29.68 25.01
N VAL A 91 21.98 29.62 24.86
CA VAL A 91 22.72 30.67 24.16
C VAL A 91 22.26 30.80 22.71
N GLY A 92 22.09 29.66 22.04
CA GLY A 92 21.65 29.64 20.66
C GLY A 92 20.31 30.30 20.47
N TYR A 93 19.33 29.87 21.26
CA TYR A 93 18.00 30.47 21.19
C TYR A 93 18.08 31.96 21.50
N ALA A 94 18.89 32.32 22.48
CA ALA A 94 19.13 33.72 22.81
C ALA A 94 19.58 34.49 21.57
N LEU A 95 20.51 33.92 20.82
CA LEU A 95 20.94 34.48 19.55
C LEU A 95 19.76 34.62 18.58
N MET A 96 18.86 33.66 18.60
CA MET A 96 17.67 33.76 17.74
C MET A 96 16.79 34.93 18.18
N THR A 97 16.86 35.31 19.46
CA THR A 97 15.95 36.31 20.02
C THR A 97 16.30 37.75 19.68
N VAL A 98 17.53 38.03 19.30
CA VAL A 98 17.89 39.41 18.95
C VAL A 98 17.43 39.72 17.54
N PRO A 99 16.62 40.80 17.41
CA PRO A 99 15.96 41.21 16.16
C PRO A 99 16.91 41.78 15.12
N THR A 100 17.71 40.92 14.49
CA THR A 100 18.55 41.34 13.39
C THR A 100 18.39 40.39 12.21
N GLU A 101 17.87 40.90 11.10
CA GLU A 101 17.63 40.08 9.91
C GLU A 101 18.94 39.84 9.16
N ASN A 102 19.96 39.40 9.89
CA ASN A 102 21.25 39.12 9.29
C ASN A 102 21.40 37.61 9.15
N THR A 103 21.41 37.14 7.91
CA THR A 103 21.46 35.71 7.61
C THR A 103 22.58 34.99 8.35
N TRP A 104 23.74 35.64 8.45
CA TRP A 104 24.87 35.08 9.15
C TRP A 104 24.59 34.91 10.63
N PHE A 105 23.89 35.87 11.20
CA PHE A 105 23.50 35.84 12.61
C PHE A 105 22.65 34.61 12.93
N MET A 106 21.56 34.44 12.17
CA MET A 106 20.65 33.34 12.38
C MET A 106 21.33 32.01 12.11
N PHE A 107 22.17 31.96 11.07
CA PHE A 107 22.90 30.75 10.74
C PHE A 107 23.82 30.34 11.88
N SER A 108 24.48 31.32 12.50
CA SER A 108 25.34 31.05 13.65
C SER A 108 24.52 30.55 14.82
N ALA A 109 23.36 31.18 15.04
CA ALA A 109 22.43 30.70 16.06
C ALA A 109 22.08 29.24 15.86
N LEU A 110 21.85 28.87 14.60
CA LEU A 110 21.56 27.49 14.24
C LEU A 110 22.75 26.59 14.52
N GLY A 111 23.96 27.07 14.27
CA GLY A 111 25.16 26.29 14.55
C GLY A 111 25.23 25.96 16.03
N VAL A 112 25.01 27.00 16.85
CA VAL A 112 25.01 26.85 18.30
C VAL A 112 23.95 25.85 18.76
N ILE A 113 22.77 25.92 18.14
CA ILE A 113 21.69 24.99 18.46
C ILE A 113 22.10 23.55 18.11
N VAL A 114 22.73 23.38 16.94
CA VAL A 114 23.19 22.07 16.49
C VAL A 114 24.18 21.46 17.50
N VAL A 115 25.22 22.22 17.82
CA VAL A 115 26.23 21.75 18.77
C VAL A 115 25.59 21.39 20.11
N GLY A 116 24.79 22.33 20.63
CA GLY A 116 24.08 22.12 21.88
C GLY A 116 23.25 20.85 21.92
N ASN A 117 22.54 20.58 20.82
CA ASN A 117 21.73 19.37 20.72
C ASN A 117 22.61 18.13 20.72
N GLY A 118 23.66 18.17 19.91
CA GLY A 118 24.60 17.07 19.83
C GLY A 118 25.18 16.72 21.19
N LEU A 119 25.36 17.74 22.03
CA LEU A 119 25.88 17.51 23.37
C LEU A 119 24.80 17.11 24.38
N PHE A 120 23.56 17.52 24.13
CA PHE A 120 22.49 17.25 25.10
C PHE A 120 21.84 15.89 24.90
N LYS A 121 21.28 15.68 23.71
CA LYS A 121 20.41 14.52 23.45
C LYS A 121 21.00 13.15 23.80
N PRO A 122 22.23 12.85 23.34
CA PRO A 122 22.70 11.46 23.56
C PRO A 122 23.04 11.15 25.02
N ASN A 123 23.32 12.18 25.81
CA ASN A 123 23.72 11.98 27.20
C ASN A 123 22.53 11.98 28.15
N ALA A 124 21.49 12.73 27.81
CA ALA A 124 20.25 12.67 28.55
C ALA A 124 19.62 11.29 28.34
N GLY A 125 19.82 10.76 27.14
CA GLY A 125 19.37 9.42 26.80
C GLY A 125 20.13 8.33 27.51
N ASN A 126 21.42 8.57 27.75
CA ASN A 126 22.25 7.62 28.47
C ASN A 126 21.85 7.52 29.94
N LEU A 127 21.45 8.65 30.52
CA LEU A 127 21.05 8.69 31.93
C LEU A 127 19.89 7.75 32.22
N VAL A 128 18.81 7.88 31.47
CA VAL A 128 17.64 7.01 31.62
C VAL A 128 18.07 5.55 31.58
N ARG A 129 19.05 5.27 30.72
CA ARG A 129 19.55 3.91 30.54
C ARG A 129 20.33 3.45 31.77
N LYS A 130 20.99 4.40 32.44
CA LYS A 130 21.77 4.08 33.63
C LYS A 130 20.93 4.18 34.90
N ILE A 131 19.80 4.88 34.83
CA ILE A 131 18.91 5.01 35.97
C ILE A 131 18.15 3.70 36.14
N TYR A 132 18.06 2.93 35.06
CA TYR A 132 17.32 1.67 35.08
C TYR A 132 18.22 0.51 34.72
N GLU A 133 19.52 0.77 34.71
CA GLU A 133 20.53 -0.28 34.74
C GLU A 133 20.44 -1.25 33.56
N SER A 137 15.35 -4.42 31.17
CA SER A 137 14.18 -4.46 30.30
C SER A 137 13.10 -3.47 30.76
N LYS A 138 13.29 -2.93 31.97
CA LYS A 138 12.40 -1.88 32.46
C LYS A 138 12.87 -0.53 31.94
N ILE A 139 13.95 -0.56 31.17
CA ILE A 139 14.46 0.63 30.50
C ILE A 139 13.56 0.96 29.33
N ASP A 140 12.77 -0.02 28.92
CA ASP A 140 11.76 0.17 27.88
C ASP A 140 10.53 0.82 28.51
N SER A 141 10.15 0.32 29.68
CA SER A 141 9.11 0.91 30.51
C SER A 141 9.43 2.38 30.77
N ALA A 142 10.70 2.65 31.00
CA ALA A 142 11.16 4.02 31.21
C ALA A 142 11.05 4.80 29.90
N PHE A 143 11.72 4.31 28.86
CA PHE A 143 11.85 5.04 27.61
C PHE A 143 10.51 5.38 26.94
N THR A 144 9.48 4.55 27.19
CA THR A 144 8.16 4.84 26.65
C THR A 144 7.55 6.07 27.32
N ILE A 145 7.60 6.10 28.65
CA ILE A 145 7.14 7.24 29.44
C ILE A 145 7.91 8.50 29.05
N TYR A 146 9.23 8.32 28.95
CA TYR A 146 10.16 9.34 28.46
C TYR A 146 9.65 9.96 27.17
N TYR A 147 9.43 9.09 26.18
CA TYR A 147 8.91 9.46 24.87
C TYR A 147 7.62 10.26 24.99
N MET A 148 6.74 9.83 25.90
CA MET A 148 5.48 10.52 26.13
C MET A 148 5.69 11.94 26.67
N ALA A 149 6.62 12.08 27.60
CA ALA A 149 6.97 13.38 28.16
C ALA A 149 7.46 14.31 27.07
N VAL A 150 8.35 13.79 26.23
CA VAL A 150 8.82 14.49 25.04
C VAL A 150 7.62 15.00 24.24
N ASN A 151 6.66 14.11 24.00
CA ASN A 151 5.50 14.46 23.18
C ASN A 151 4.59 15.53 23.79
N VAL A 152 4.36 15.50 25.10
CA VAL A 152 3.50 16.52 25.71
C VAL A 152 4.21 17.87 25.69
N GLY A 153 5.50 17.86 26.00
CA GLY A 153 6.29 19.09 25.91
C GLY A 153 6.20 19.70 24.52
N SER A 154 6.49 18.88 23.51
CA SER A 154 6.52 19.33 22.13
C SER A 154 5.14 19.80 21.68
N THR A 155 4.09 19.18 22.22
CA THR A 155 2.72 19.60 21.93
C THR A 155 2.51 21.02 22.45
N PHE A 156 2.85 21.22 23.73
CA PHE A 156 2.65 22.52 24.37
C PHE A 156 3.38 23.61 23.62
N SER A 157 4.62 23.34 23.21
CA SER A 157 5.39 24.35 22.50
C SER A 157 4.83 24.62 21.11
N MET A 158 4.60 23.55 20.35
CA MET A 158 4.11 23.67 18.98
C MET A 158 2.73 24.32 18.92
N LEU A 159 2.03 24.34 20.05
CA LEU A 159 0.77 25.05 20.13
C LEU A 159 0.96 26.48 20.61
N LEU A 160 1.98 26.69 21.42
CA LEU A 160 2.18 28.00 22.05
C LEU A 160 2.91 29.00 21.16
N THR A 161 4.11 28.64 20.70
CA THR A 161 4.99 29.60 20.02
C THR A 161 4.41 30.25 18.74
N PRO A 162 3.65 29.50 17.91
CA PRO A 162 3.13 30.21 16.74
C PRO A 162 2.09 31.25 17.15
N TRP A 163 1.39 30.98 18.24
CA TRP A 163 0.39 31.90 18.75
C TRP A 163 1.07 33.15 19.28
N ILE A 164 2.24 32.99 19.89
CA ILE A 164 3.06 34.12 20.33
C ILE A 164 3.48 34.93 19.11
N LYS A 165 3.93 34.23 18.07
CA LYS A 165 4.39 34.87 16.84
C LYS A 165 3.34 35.79 16.27
N ASP A 166 2.12 35.26 16.12
CA ASP A 166 1.01 36.02 15.56
C ASP A 166 0.64 37.19 16.46
N TYR A 167 0.51 36.93 17.76
CA TYR A 167 0.06 37.94 18.71
C TYR A 167 0.99 39.14 18.77
N VAL A 168 2.27 38.89 18.95
CA VAL A 168 3.25 39.97 19.08
C VAL A 168 3.34 40.75 17.77
N ASN A 169 3.21 40.03 16.65
CA ASN A 169 3.19 40.67 15.34
C ASN A 169 2.01 41.60 15.14
N ALA A 170 1.02 41.52 16.03
CA ALA A 170 -0.16 42.36 15.92
C ALA A 170 -0.03 43.63 16.75
N GLN A 171 0.49 43.51 17.96
CA GLN A 171 0.67 44.66 18.85
C GLN A 171 1.91 45.45 18.50
N TYR A 172 2.84 44.82 17.77
CA TYR A 172 4.07 45.47 17.36
C TYR A 172 4.40 45.15 15.90
N GLY A 173 5.39 45.84 15.34
CA GLY A 173 5.67 45.75 13.92
C GLY A 173 6.72 44.72 13.52
N ASN A 174 6.26 43.62 12.91
CA ASN A 174 7.14 42.60 12.32
C ASN A 174 8.14 41.99 13.30
N GLU A 175 8.99 42.82 13.89
CA GLU A 175 9.95 42.36 14.89
C GLU A 175 9.60 42.97 16.24
N PHE A 176 9.62 42.18 17.31
CA PHE A 176 10.09 40.78 17.29
C PHE A 176 9.10 39.80 16.68
N GLY A 177 8.03 39.52 17.41
CA GLY A 177 7.07 38.52 16.99
C GLY A 177 7.72 37.15 16.90
N TRP A 178 8.52 36.95 15.85
CA TRP A 178 9.27 35.72 15.66
C TRP A 178 10.32 35.56 16.76
N HIS A 179 11.09 36.63 16.97
CA HIS A 179 12.16 36.63 17.95
C HIS A 179 11.58 36.47 19.37
N ALA A 180 10.35 36.96 19.56
CA ALA A 180 9.62 36.74 20.80
C ALA A 180 9.41 35.25 21.04
N ALA A 181 8.97 34.55 20.00
CA ALA A 181 8.76 33.10 20.05
C ALA A 181 10.06 32.38 20.40
N PHE A 182 11.13 32.79 19.72
CA PHE A 182 12.45 32.21 20.01
C PHE A 182 12.85 32.47 21.47
N ALA A 183 12.41 33.61 22.01
CA ALA A 183 12.62 33.91 23.42
C ALA A 183 11.86 32.91 24.29
N VAL A 184 10.63 32.60 23.89
CA VAL A 184 9.85 31.58 24.57
C VAL A 184 10.62 30.27 24.63
N CYS A 185 11.19 29.87 23.50
CA CYS A 185 12.06 28.69 23.47
C CYS A 185 13.20 28.81 24.49
N CYS A 186 13.86 29.96 24.49
CA CYS A 186 15.00 30.22 25.36
C CYS A 186 14.65 30.05 26.84
N VAL A 187 13.58 30.72 27.27
CA VAL A 187 13.16 30.62 28.67
C VAL A 187 12.58 29.25 28.96
N GLY A 188 12.25 28.50 27.91
CA GLY A 188 11.88 27.11 28.07
C GLY A 188 13.10 26.36 28.54
N ILE A 189 14.21 26.53 27.82
CA ILE A 189 15.47 25.92 28.19
C ILE A 189 15.88 26.34 29.60
N LEU A 190 15.77 27.63 29.90
CA LEU A 190 16.12 28.17 31.21
C LEU A 190 15.29 27.49 32.30
N VAL A 191 14.01 27.32 32.03
CA VAL A 191 13.12 26.63 32.96
C VAL A 191 13.60 25.20 33.21
N GLY A 192 13.93 24.49 32.13
CA GLY A 192 14.43 23.13 32.25
C GLY A 192 15.69 23.04 33.10
N LEU A 193 16.60 23.97 32.84
CA LEU A 193 17.86 24.04 33.59
C LEU A 193 17.59 24.32 35.06
N GLY A 194 16.57 25.15 35.33
CA GLY A 194 16.17 25.44 36.69
C GLY A 194 15.67 24.17 37.36
N ASN A 195 14.91 23.38 36.61
CA ASN A 195 14.41 22.10 37.09
C ASN A 195 15.59 21.22 37.52
N TYR A 196 16.50 20.97 36.58
CA TYR A 196 17.69 20.18 36.89
C TYR A 196 18.40 20.71 38.12
N ALA A 197 18.63 22.02 38.16
CA ALA A 197 19.32 22.63 39.30
C ALA A 197 18.60 22.33 40.60
N LEU A 198 17.26 22.28 40.55
CA LEU A 198 16.47 22.01 41.73
C LEU A 198 16.28 20.51 41.98
N MET A 199 16.90 19.67 41.17
CA MET A 199 16.79 18.23 41.40
C MET A 199 18.09 17.46 41.11
N HIS A 200 19.23 18.15 41.15
CA HIS A 200 20.44 17.65 40.48
C HIS A 200 21.01 16.41 41.16
N LYS A 201 21.68 16.57 42.30
CA LYS A 201 22.20 15.42 43.04
C LYS A 201 21.03 14.69 43.66
N SER A 202 19.97 15.44 43.94
CA SER A 202 18.72 14.90 44.47
C SER A 202 18.28 13.65 43.73
N LEU A 203 17.85 13.84 42.48
CA LEU A 203 17.38 12.73 41.66
C LEU A 203 18.51 12.00 40.94
N ALA A 204 19.18 12.71 40.04
CA ALA A 204 20.25 12.12 39.21
C ALA A 204 21.30 11.39 40.05
N ASN A 205 21.94 12.11 40.95
CA ASN A 205 22.92 11.55 41.88
C ASN A 205 23.98 10.68 41.21
N TYR A 206 23.63 9.42 40.96
CA TYR A 206 24.55 8.46 40.37
C TYR A 206 24.29 8.29 38.87
N GLY A 207 25.37 8.30 38.10
CA GLY A 207 25.30 8.26 36.66
C GLY A 207 26.62 8.72 36.07
N SER A 208 26.84 8.44 34.78
CA SER A 208 28.01 8.86 34.01
C SER A 208 29.22 7.96 34.23
N GLU A 209 30.06 7.86 33.20
CA GLU A 209 31.26 7.04 33.25
C GLU A 209 32.44 7.76 33.90
N PRO A 210 32.54 9.08 33.69
CA PRO A 210 33.69 9.79 34.26
C PRO A 210 33.34 11.15 34.86
N ASP A 211 32.18 11.24 35.52
CA ASP A 211 31.78 12.47 36.19
C ASP A 211 32.06 12.35 37.69
N THR A 212 32.69 11.24 38.08
CA THR A 212 32.98 10.97 39.47
C THR A 212 34.16 11.80 39.99
N ARG A 213 34.73 12.62 39.11
CA ARG A 213 35.83 13.50 39.49
C ARG A 213 35.55 14.93 39.03
N PRO A 214 36.42 15.88 39.41
CA PRO A 214 36.21 17.26 38.98
C PRO A 214 36.47 17.42 37.49
N VAL A 215 36.02 18.53 36.91
CA VAL A 215 36.18 18.74 35.47
C VAL A 215 37.64 18.98 35.10
N ASN A 216 38.09 18.36 34.01
CA ASN A 216 39.46 18.51 33.55
C ASN A 216 39.56 19.71 32.62
N LYS A 217 39.98 20.84 33.19
CA LYS A 217 39.98 22.13 32.51
C LYS A 217 40.69 22.14 31.14
N LYS A 218 41.70 21.30 30.95
CA LYS A 218 42.34 21.19 29.64
C LYS A 218 41.35 20.72 28.58
N SER A 219 40.65 19.62 28.88
CA SER A 219 39.75 19.01 27.92
C SER A 219 38.46 19.81 27.81
N LEU A 220 38.08 20.49 28.89
CA LEU A 220 36.90 21.33 28.86
C LEU A 220 37.18 22.52 27.94
N ALA A 221 38.38 23.07 28.07
CA ALA A 221 38.81 24.17 27.21
C ALA A 221 38.81 23.72 25.74
N ILE A 222 39.52 22.62 25.45
CA ILE A 222 39.63 22.16 24.07
C ILE A 222 38.25 21.83 23.50
N VAL A 223 37.34 21.37 24.34
CA VAL A 223 35.97 21.07 23.91
C VAL A 223 35.21 22.34 23.56
N LEU A 224 35.30 23.37 24.40
CA LEU A 224 34.61 24.63 24.10
C LEU A 224 35.17 25.28 22.83
N ALA A 225 36.49 25.23 22.67
CA ALA A 225 37.14 25.75 21.47
C ALA A 225 36.61 25.04 20.23
N LEU A 226 36.69 23.71 20.25
CA LEU A 226 36.22 22.91 19.12
C LEU A 226 34.71 23.09 18.91
N ALA A 227 34.01 23.50 19.95
CA ALA A 227 32.58 23.77 19.87
C ALA A 227 32.37 25.02 19.04
N ALA A 228 33.16 26.06 19.33
CA ALA A 228 33.13 27.27 18.53
C ALA A 228 33.45 26.96 17.08
N LEU A 229 34.51 26.18 16.88
CA LEU A 229 34.93 25.77 15.54
C LEU A 229 33.81 25.06 14.77
N SER A 230 33.11 24.16 15.45
CA SER A 230 32.03 23.41 14.84
C SER A 230 30.82 24.30 14.59
N VAL A 231 30.67 25.33 15.42
CA VAL A 231 29.61 26.31 15.22
C VAL A 231 29.86 27.05 13.91
N VAL A 232 31.11 27.45 13.69
CA VAL A 232 31.50 28.11 12.45
C VAL A 232 31.28 27.19 11.25
N ALA A 233 31.80 25.97 11.34
CA ALA A 233 31.64 24.97 10.29
C ALA A 233 30.17 24.78 9.92
N SER A 234 29.33 24.68 10.95
CA SER A 234 27.89 24.54 10.77
C SER A 234 27.31 25.72 10.01
N ALA A 235 27.53 26.92 10.53
CA ALA A 235 27.03 28.15 9.92
C ALA A 235 27.40 28.24 8.43
N ILE A 236 28.65 27.91 8.13
CA ILE A 236 29.13 27.95 6.75
C ILE A 236 28.44 26.88 5.88
N ILE A 237 28.29 25.67 6.41
CA ILE A 237 27.61 24.61 5.69
C ILE A 237 26.18 25.01 5.35
N LEU A 238 25.53 25.67 6.30
CA LEU A 238 24.15 26.12 6.12
C LEU A 238 24.05 27.23 5.08
N GLU A 239 24.95 28.22 5.15
CA GLU A 239 24.93 29.32 4.20
C GLU A 239 24.95 28.88 2.74
N TYR A 240 26.00 28.18 2.34
CA TYR A 240 26.20 27.82 0.95
C TYR A 240 25.60 26.46 0.60
N GLU A 241 24.57 26.49 -0.23
CA GLU A 241 23.86 25.28 -0.63
C GLU A 241 24.79 24.23 -1.24
N ASP A 242 25.76 24.69 -2.02
CA ASP A 242 26.69 23.78 -2.69
C ASP A 242 27.59 23.10 -1.67
N VAL A 243 28.01 23.83 -0.65
CA VAL A 243 28.81 23.26 0.43
C VAL A 243 28.06 22.12 1.11
N ALA A 244 26.80 22.39 1.47
CA ALA A 244 25.94 21.40 2.09
C ALA A 244 25.82 20.18 1.19
N ARG A 245 25.53 20.44 -0.09
CA ARG A 245 25.36 19.38 -1.09
C ARG A 245 26.60 18.49 -1.15
N VAL A 246 27.77 19.10 -1.18
CA VAL A 246 29.02 18.36 -1.26
C VAL A 246 29.30 17.55 0.00
N PHE A 247 29.05 18.16 1.16
CA PHE A 247 29.28 17.46 2.43
C PHE A 247 28.39 16.22 2.55
N VAL A 248 27.10 16.43 2.31
CA VAL A 248 26.11 15.36 2.38
C VAL A 248 26.42 14.26 1.38
N TYR A 249 26.72 14.67 0.15
CA TYR A 249 27.10 13.75 -0.92
C TYR A 249 28.31 12.92 -0.52
N ALA A 250 29.26 13.57 0.13
CA ALA A 250 30.47 12.92 0.62
C ALA A 250 30.11 11.85 1.64
N ALA A 251 29.27 12.21 2.61
CA ALA A 251 28.82 11.24 3.61
C ALA A 251 28.10 10.07 2.95
N GLY A 252 27.47 10.36 1.80
CA GLY A 252 26.75 9.37 1.03
C GLY A 252 27.72 8.37 0.45
N VAL A 253 28.78 8.89 -0.17
CA VAL A 253 29.84 8.05 -0.70
C VAL A 253 30.46 7.23 0.43
N ALA A 254 30.53 7.83 1.60
CA ALA A 254 31.08 7.16 2.78
C ALA A 254 30.27 5.92 3.13
N VAL A 255 28.98 6.09 3.40
CA VAL A 255 28.15 4.94 3.77
C VAL A 255 28.02 3.92 2.64
N LEU A 256 28.00 4.43 1.39
CA LEU A 256 27.98 3.56 0.21
C LEU A 256 29.20 2.64 0.23
N GLY A 257 30.36 3.22 0.54
CA GLY A 257 31.60 2.49 0.63
C GLY A 257 31.63 1.51 1.78
N ILE A 258 31.14 1.94 2.94
CA ILE A 258 31.08 1.07 4.12
C ILE A 258 30.26 -0.18 3.86
N PHE A 259 29.05 0.00 3.35
CA PHE A 259 28.18 -1.14 3.02
C PHE A 259 28.79 -1.93 1.87
N PHE A 260 29.53 -1.25 1.01
CA PHE A 260 30.23 -1.88 -0.11
C PHE A 260 31.27 -2.87 0.40
N HIS A 261 31.97 -2.49 1.47
CA HIS A 261 33.04 -3.32 2.03
C HIS A 261 32.50 -4.40 2.95
N LEU A 262 31.37 -4.12 3.59
CA LEU A 262 30.77 -5.07 4.54
C LEU A 262 30.46 -6.42 3.90
N ILE A 263 30.09 -6.41 2.62
CA ILE A 263 29.70 -7.63 1.93
C ILE A 263 30.89 -8.45 1.43
N ARG A 264 32.02 -7.78 1.23
CA ARG A 264 33.22 -8.43 0.71
C ARG A 264 33.86 -9.36 1.75
N PRO A 268 28.91 -15.32 2.08
CA PRO A 268 28.16 -16.54 1.74
C PRO A 268 26.99 -16.80 2.70
N SER A 269 27.29 -17.14 3.95
CA SER A 269 26.25 -17.38 4.94
C SER A 269 25.83 -16.08 5.62
N GLU A 270 26.76 -15.13 5.69
CA GLU A 270 26.51 -13.86 6.36
C GLU A 270 25.56 -12.95 5.58
N ARG A 271 25.61 -13.05 4.26
CA ARG A 271 24.85 -12.17 3.36
C ARG A 271 23.35 -12.14 3.66
N ALA A 272 22.83 -13.24 4.18
CA ALA A 272 21.42 -13.33 4.57
C ALA A 272 21.03 -12.25 5.58
N GLY A 273 21.99 -11.88 6.43
CA GLY A 273 21.76 -10.83 7.41
C GLY A 273 22.10 -9.46 6.87
N LEU A 274 23.20 -9.39 6.12
CA LEU A 274 23.70 -8.13 5.59
C LEU A 274 22.76 -7.50 4.57
N ILE A 275 22.40 -8.25 3.54
CA ILE A 275 21.52 -7.73 2.49
C ILE A 275 20.19 -7.27 3.09
N ALA A 276 19.66 -8.07 4.00
CA ALA A 276 18.46 -7.71 4.75
C ALA A 276 18.64 -6.38 5.46
N ALA A 277 19.78 -6.24 6.14
CA ALA A 277 20.10 -5.00 6.84
C ALA A 277 20.17 -3.79 5.89
N LEU A 278 20.71 -4.02 4.69
CA LEU A 278 20.82 -2.97 3.67
C LEU A 278 19.44 -2.51 3.19
N ILE A 279 18.60 -3.47 2.83
CA ILE A 279 17.25 -3.18 2.37
C ILE A 279 16.53 -2.42 3.49
N LEU A 280 16.72 -2.89 4.71
CA LEU A 280 16.18 -2.22 5.90
C LEU A 280 16.63 -0.77 6.00
N THR A 281 17.93 -0.52 5.82
CA THR A 281 18.47 0.82 6.05
C THR A 281 17.97 1.78 4.96
N VAL A 282 17.81 1.29 3.73
CA VAL A 282 17.29 2.16 2.68
C VAL A 282 15.79 2.40 2.93
N GLN A 283 15.12 1.42 3.53
CA GLN A 283 13.72 1.62 3.93
C GLN A 283 13.62 2.72 4.98
N THR A 284 14.56 2.71 5.92
CA THR A 284 14.65 3.74 6.95
C THR A 284 14.87 5.11 6.30
N VAL A 285 15.76 5.15 5.31
CA VAL A 285 16.01 6.36 4.54
C VAL A 285 14.70 6.92 3.97
N PHE A 286 13.97 6.06 3.27
CA PHE A 286 12.64 6.39 2.74
C PHE A 286 11.76 7.00 3.83
N PHE A 287 11.63 6.28 4.93
CA PHE A 287 10.74 6.67 6.02
C PHE A 287 11.11 8.05 6.54
N PHE A 288 12.40 8.33 6.65
CA PHE A 288 12.84 9.63 7.16
C PHE A 288 12.58 10.75 6.15
N ILE A 289 12.63 10.44 4.86
CA ILE A 289 12.17 11.42 3.87
C ILE A 289 10.70 11.76 4.16
N PHE A 290 9.89 10.71 4.30
CA PHE A 290 8.48 10.87 4.59
C PHE A 290 8.23 11.68 5.87
N TYR A 291 9.07 11.48 6.88
CA TYR A 291 8.98 12.30 8.09
C TYR A 291 9.31 13.75 7.77
N GLN A 292 10.41 13.94 7.04
CA GLN A 292 10.92 15.28 6.79
C GLN A 292 9.90 16.12 6.03
N GLN A 293 9.01 15.45 5.30
CA GLN A 293 7.98 16.17 4.57
C GLN A 293 7.08 17.05 5.46
N MET A 294 6.88 16.68 6.72
CA MET A 294 5.97 17.46 7.56
C MET A 294 6.62 18.77 8.00
N SER A 295 7.94 18.78 8.10
CA SER A 295 8.66 19.97 8.53
C SER A 295 8.65 21.04 7.46
N THR A 296 8.57 20.59 6.21
CA THR A 296 8.74 21.48 5.05
C THR A 296 7.48 21.60 4.20
N SER A 297 7.38 20.75 3.17
CA SER A 297 6.35 20.87 2.15
C SER A 297 4.94 20.79 2.74
N LEU A 298 4.76 19.91 3.73
CA LEU A 298 3.47 19.78 4.38
C LEU A 298 3.15 21.02 5.22
N ALA A 299 4.18 21.59 5.84
CA ALA A 299 4.01 22.81 6.61
C ALA A 299 3.65 23.96 5.69
N LEU A 300 4.36 24.04 4.57
CA LEU A 300 4.12 25.07 3.56
C LEU A 300 2.70 24.94 3.01
N PHE A 301 2.31 23.70 2.73
CA PHE A 301 0.96 23.39 2.26
C PHE A 301 -0.07 23.87 3.27
N ALA A 302 0.23 23.64 4.55
CA ALA A 302 -0.66 24.09 5.62
C ALA A 302 -0.77 25.61 5.56
N LEU A 303 0.34 26.27 5.24
CA LEU A 303 0.38 27.73 5.21
C LEU A 303 -0.42 28.32 4.04
N ARG A 304 -0.34 27.70 2.87
CA ARG A 304 -0.85 28.34 1.66
C ARG A 304 -2.11 27.74 1.05
N ASN A 305 -2.46 26.51 1.42
CA ASN A 305 -3.61 25.84 0.80
C ASN A 305 -4.58 25.17 1.77
N VAL A 306 -4.70 25.72 2.98
CA VAL A 306 -5.59 25.15 3.97
C VAL A 306 -6.41 26.24 4.66
N ASP A 307 -7.72 26.04 4.72
CA ASP A 307 -8.58 26.96 5.44
C ASP A 307 -8.25 26.88 6.93
N TRP A 308 -7.66 27.94 7.46
CA TRP A 308 -7.24 27.97 8.87
C TRP A 308 -8.44 27.96 9.81
N ASP A 309 -9.64 27.99 9.24
CA ASP A 309 -10.87 27.94 10.03
C ASP A 309 -11.26 26.49 10.26
N PHE A 310 -10.99 26.02 11.47
CA PHE A 310 -11.27 24.64 11.85
C PHE A 310 -12.71 24.48 12.28
N GLN A 311 -13.48 23.71 11.53
CA GLN A 311 -14.90 23.52 11.82
C GLN A 311 -15.24 22.12 12.31
N VAL A 312 -15.83 22.05 13.50
CA VAL A 312 -16.45 20.82 13.96
C VAL A 312 -17.86 20.78 13.41
N PHE A 313 -18.03 20.04 12.31
CA PHE A 313 -19.27 19.98 11.54
C PHE A 313 -20.54 20.08 12.37
N GLY A 314 -21.16 21.26 12.38
CA GLY A 314 -20.70 22.38 11.58
C GLY A 314 -20.69 23.72 12.29
N THR A 315 -19.87 23.83 13.33
CA THR A 315 -19.66 25.11 14.02
C THR A 315 -18.23 25.63 13.76
N HIS A 316 -17.76 26.57 14.58
CA HIS A 316 -16.65 27.43 14.16
C HIS A 316 -15.28 27.26 14.84
N LEU A 317 -15.26 26.96 16.13
CA LEU A 317 -14.00 26.95 16.89
C LEU A 317 -12.95 25.96 16.34
N TRP A 318 -11.70 26.42 16.19
CA TRP A 318 -11.37 27.83 16.31
C TRP A 318 -10.77 28.31 14.98
N THR A 319 -9.60 28.94 15.02
CA THR A 319 -8.91 29.36 13.80
C THR A 319 -7.42 29.02 13.91
N TRP A 320 -6.95 28.11 13.06
CA TRP A 320 -5.57 27.66 13.12
C TRP A 320 -4.56 28.76 12.79
N SER A 321 -3.35 28.58 13.30
CA SER A 321 -2.19 29.28 12.78
C SER A 321 -1.30 28.21 12.19
N PRO A 322 -1.06 28.28 10.87
CA PRO A 322 -0.48 27.23 10.01
C PRO A 322 0.52 26.32 10.74
N ALA A 323 1.47 26.93 11.43
CA ALA A 323 2.49 26.19 12.16
C ALA A 323 1.89 25.22 13.16
N GLN A 324 0.79 25.62 13.78
CA GLN A 324 0.14 24.82 14.80
C GLN A 324 -0.34 23.48 14.25
N PHE A 325 -0.44 23.37 12.92
CA PHE A 325 -0.84 22.10 12.33
C PHE A 325 0.18 21.02 12.64
N GLN A 326 1.45 21.41 12.79
CA GLN A 326 2.48 20.44 13.13
C GLN A 326 2.23 19.86 14.51
N ALA A 327 1.54 20.62 15.35
CA ALA A 327 1.20 20.16 16.70
C ALA A 327 0.26 18.97 16.64
N LEU A 328 -0.34 18.73 15.47
CA LEU A 328 -1.18 17.56 15.29
C LEU A 328 -0.37 16.26 15.41
N ASN A 329 0.93 16.34 15.13
CA ASN A 329 1.76 15.13 15.18
C ASN A 329 1.93 14.57 16.59
N PRO A 330 2.39 15.40 17.56
CA PRO A 330 2.54 14.80 18.90
C PRO A 330 1.20 14.49 19.56
N ILE A 331 0.21 15.36 19.38
CA ILE A 331 -1.12 15.16 19.95
C ILE A 331 -1.69 13.79 19.60
N TRP A 332 -1.72 13.49 18.30
CA TRP A 332 -2.22 12.21 17.82
C TRP A 332 -1.41 11.03 18.37
N ILE A 333 -0.12 11.25 18.59
CA ILE A 333 0.75 10.21 19.12
C ILE A 333 0.35 9.86 20.56
N MET A 334 0.05 10.88 21.36
CA MET A 334 -0.34 10.66 22.75
C MET A 334 -1.73 10.04 22.84
N VAL A 335 -2.56 10.28 21.83
CA VAL A 335 -3.94 9.78 21.83
C VAL A 335 -4.01 8.31 21.39
N LEU A 336 -3.22 7.96 20.40
CA LEU A 336 -3.28 6.62 19.82
C LEU A 336 -2.29 5.65 20.47
N SER A 337 -1.39 6.17 21.30
CA SER A 337 -0.46 5.33 22.04
C SER A 337 -1.16 4.37 23.00
N PRO A 338 -2.14 4.85 23.80
CA PRO A 338 -2.77 3.91 24.72
C PRO A 338 -3.63 2.87 23.99
N VAL A 339 -4.04 3.19 22.77
CA VAL A 339 -4.89 2.28 22.00
C VAL A 339 -4.08 1.11 21.46
N LEU A 340 -2.86 1.40 21.00
CA LEU A 340 -1.97 0.37 20.46
C LEU A 340 -1.39 -0.54 21.55
N ALA A 341 -1.42 -0.07 22.79
CA ALA A 341 -0.93 -0.86 23.92
C ALA A 341 -1.74 -2.13 24.14
N TRP A 342 -2.99 -2.11 23.67
CA TRP A 342 -3.91 -3.21 23.89
C TRP A 342 -3.72 -4.30 22.85
N ILE A 356 8.60 -10.11 12.72
CA ILE A 356 7.71 -8.97 12.91
C ILE A 356 8.38 -7.69 12.43
N ALA A 357 8.92 -7.74 11.21
CA ALA A 357 9.32 -6.52 10.52
C ALA A 357 8.22 -6.15 9.54
N ALA A 358 7.07 -6.81 9.68
CA ALA A 358 5.90 -6.49 8.89
C ALA A 358 5.23 -5.20 9.37
N LYS A 359 5.50 -4.85 10.63
CA LYS A 359 5.02 -3.60 11.19
C LYS A 359 5.59 -2.42 10.41
N PHE A 360 6.75 -2.65 9.79
CA PHE A 360 7.34 -1.69 8.87
C PHE A 360 6.39 -1.47 7.70
N ALA A 361 5.96 -2.56 7.09
CA ALA A 361 5.04 -2.52 5.96
C ALA A 361 3.75 -1.79 6.34
N LEU A 362 3.15 -2.19 7.45
CA LEU A 362 1.96 -1.51 7.95
C LEU A 362 2.21 0.00 8.06
N GLY A 363 3.35 0.36 8.63
CA GLY A 363 3.74 1.76 8.76
C GLY A 363 3.70 2.47 7.42
N PHE A 364 4.47 1.95 6.46
CA PHE A 364 4.56 2.54 5.13
C PHE A 364 3.20 2.68 4.45
N ALA A 365 2.34 1.68 4.60
CA ALA A 365 1.01 1.73 4.02
C ALA A 365 0.17 2.84 4.65
N VAL A 366 0.23 2.95 5.98
CA VAL A 366 -0.53 3.95 6.69
C VAL A 366 -0.09 5.37 6.29
N VAL A 367 1.23 5.57 6.24
CA VAL A 367 1.79 6.83 5.76
C VAL A 367 1.29 7.12 4.35
N ALA A 368 1.27 6.08 3.52
CA ALA A 368 0.79 6.18 2.15
C ALA A 368 -0.61 6.77 2.09
N ILE A 369 -1.56 6.13 2.78
CA ILE A 369 -2.95 6.64 2.72
C ILE A 369 -3.06 8.01 3.38
N GLY A 370 -2.13 8.36 4.26
CA GLY A 370 -2.07 9.71 4.77
C GLY A 370 -1.79 10.69 3.63
N PHE A 371 -0.72 10.41 2.89
CA PHE A 371 -0.33 11.25 1.77
C PHE A 371 -1.38 11.26 0.66
N PHE A 372 -2.20 10.21 0.60
CA PHE A 372 -3.31 10.19 -0.35
C PHE A 372 -4.44 11.09 0.14
N ILE A 373 -4.62 11.15 1.46
CA ILE A 373 -5.57 12.09 2.04
C ILE A 373 -5.14 13.51 1.67
N TYR A 374 -3.85 13.81 1.84
CA TYR A 374 -3.32 15.10 1.40
C TYR A 374 -3.47 15.28 -0.11
N GLY A 375 -3.40 14.17 -0.83
CA GLY A 375 -3.52 14.18 -2.27
C GLY A 375 -4.97 14.34 -2.67
N PHE A 376 -5.85 13.72 -1.90
CA PHE A 376 -7.28 13.80 -2.16
C PHE A 376 -7.86 15.05 -1.53
N ALA A 377 -6.98 15.91 -1.01
CA ALA A 377 -7.40 17.17 -0.42
C ALA A 377 -7.89 18.12 -1.50
N GLY A 378 -7.48 17.86 -2.73
CA GLY A 378 -7.88 18.68 -3.86
C GLY A 378 -9.25 18.32 -4.38
N GLN A 379 -9.49 17.02 -4.56
CA GLN A 379 -10.73 16.53 -5.12
C GLN A 379 -11.96 16.84 -4.27
N PHE A 380 -11.75 17.12 -2.98
CA PHE A 380 -12.85 17.49 -2.10
C PHE A 380 -12.45 18.62 -1.14
N ALA A 381 -13.45 19.34 -0.63
CA ALA A 381 -13.25 20.47 0.26
C ALA A 381 -12.23 21.47 -0.28
N VAL A 382 -12.59 22.18 -1.34
CA VAL A 382 -11.66 23.11 -1.98
C VAL A 382 -12.35 24.39 -2.45
N ASN A 383 -11.82 25.53 -2.02
CA ASN A 383 -12.30 26.84 -2.41
C ASN A 383 -11.11 27.70 -2.78
N GLY A 384 -10.17 27.11 -3.51
CA GLY A 384 -8.82 27.64 -3.58
C GLY A 384 -8.04 27.02 -2.43
N LYS A 385 -7.86 27.78 -1.35
CA LYS A 385 -7.22 27.26 -0.16
C LYS A 385 -8.26 26.71 0.82
N THR A 386 -8.42 25.39 0.83
CA THR A 386 -9.40 24.77 1.72
C THR A 386 -9.06 23.31 2.01
N SER A 387 -9.24 22.92 3.27
CA SER A 387 -9.02 21.55 3.74
C SER A 387 -9.33 21.45 5.23
N SER A 388 -8.43 22.01 6.03
CA SER A 388 -8.53 22.02 7.50
C SER A 388 -8.49 20.60 8.05
N TRP A 389 -9.56 19.85 7.84
CA TRP A 389 -9.66 18.50 8.37
C TRP A 389 -8.71 17.53 7.69
N VAL A 390 -8.34 17.86 6.45
CA VAL A 390 -7.38 17.06 5.70
C VAL A 390 -6.07 16.99 6.48
N MET A 391 -5.72 18.11 7.10
CA MET A 391 -4.52 18.18 7.92
C MET A 391 -4.66 17.28 9.14
N ILE A 392 -5.87 17.19 9.68
CA ILE A 392 -6.12 16.43 10.90
C ILE A 392 -6.05 14.93 10.65
N TRP A 393 -6.81 14.45 9.67
CA TRP A 393 -6.82 13.02 9.37
C TRP A 393 -5.48 12.61 8.76
N GLY A 394 -4.92 13.50 7.97
CA GLY A 394 -3.62 13.30 7.36
C GLY A 394 -2.56 13.08 8.40
N TYR A 395 -2.43 14.04 9.32
CA TYR A 395 -1.46 13.94 10.39
C TYR A 395 -1.79 12.76 11.31
N ALA A 396 -3.06 12.40 11.41
CA ALA A 396 -3.45 11.24 12.21
C ALA A 396 -2.82 9.98 11.65
N SER A 397 -3.07 9.74 10.37
CA SER A 397 -2.54 8.59 9.67
C SER A 397 -1.01 8.59 9.72
N TYR A 398 -0.43 9.70 9.29
CA TYR A 398 1.01 9.87 9.22
C TYR A 398 1.70 9.61 10.58
N SER A 399 1.14 10.18 11.64
CA SER A 399 1.70 10.03 12.98
C SER A 399 1.55 8.60 13.49
N LEU A 400 0.41 7.96 13.18
CA LEU A 400 0.23 6.56 13.49
C LEU A 400 1.34 5.73 12.84
N GLY A 401 1.59 6.02 11.56
CA GLY A 401 2.67 5.38 10.82
C GLY A 401 4.00 5.60 11.51
N GLU A 402 4.18 6.78 12.09
CA GLU A 402 5.40 7.05 12.85
C GLU A 402 5.47 6.13 14.08
N LEU A 403 4.34 5.98 14.77
CA LEU A 403 4.28 5.15 15.97
C LEU A 403 4.59 3.69 15.66
N LEU A 404 4.23 3.27 14.46
CA LEU A 404 4.35 1.86 14.08
C LEU A 404 5.80 1.39 13.93
N VAL A 405 6.72 2.31 13.66
CA VAL A 405 8.12 1.95 13.46
C VAL A 405 9.02 2.44 14.59
N SER A 406 8.68 2.05 15.82
CA SER A 406 9.50 2.40 16.97
C SER A 406 10.82 1.64 16.93
N GLY A 407 10.83 0.52 16.23
CA GLY A 407 12.00 -0.34 16.17
C GLY A 407 12.96 0.03 15.06
N LEU A 408 13.49 1.25 15.13
CA LEU A 408 14.49 1.71 14.17
C LEU A 408 15.89 1.37 14.64
N GLY A 409 15.98 0.83 15.86
CA GLY A 409 17.24 0.52 16.53
C GLY A 409 18.37 0.02 15.66
N LEU A 410 19.56 0.55 15.87
CA LEU A 410 20.73 0.20 15.08
C LEU A 410 21.09 -1.27 15.24
N ALA A 411 20.84 -1.82 16.42
CA ALA A 411 21.12 -3.21 16.71
C ALA A 411 20.06 -4.13 16.11
N MET A 412 18.92 -3.55 15.74
CA MET A 412 17.83 -4.32 15.15
C MET A 412 18.21 -4.78 13.75
N ILE A 413 18.88 -3.91 13.00
CA ILE A 413 19.37 -4.28 11.68
C ILE A 413 20.65 -5.09 11.80
N ALA A 414 21.25 -5.08 12.98
CA ALA A 414 22.45 -5.86 13.24
C ALA A 414 22.15 -7.35 13.20
N ARG A 415 22.12 -7.90 11.99
CA ARG A 415 21.89 -9.32 11.79
C ARG A 415 23.20 -10.02 11.45
N TYR A 416 24.26 -9.24 11.25
CA TYR A 416 25.57 -9.77 10.95
C TYR A 416 26.45 -9.76 12.18
N PHE A 424 30.06 -2.05 12.17
CA PHE A 424 30.20 -1.12 11.06
C PHE A 424 28.84 -0.69 10.52
N MET A 425 28.00 -1.67 10.20
CA MET A 425 26.66 -1.39 9.69
C MET A 425 25.84 -0.61 10.71
N MET A 426 26.04 -0.93 11.98
CA MET A 426 25.40 -0.21 13.08
C MET A 426 25.85 1.26 13.09
N GLY A 427 27.03 1.52 12.54
CA GLY A 427 27.57 2.86 12.46
C GLY A 427 27.12 3.56 11.20
N ALA A 428 27.38 2.95 10.05
CA ALA A 428 26.99 3.50 8.75
C ALA A 428 25.50 3.82 8.72
N TYR A 429 24.72 2.99 9.43
CA TYR A 429 23.28 3.20 9.55
C TYR A 429 22.99 4.61 10.06
N PHE A 430 23.78 5.06 11.03
CA PHE A 430 23.61 6.38 11.61
C PHE A 430 23.79 7.48 10.57
N VAL A 431 24.91 7.46 9.86
CA VAL A 431 25.23 8.48 8.86
C VAL A 431 24.21 8.49 7.72
N ALA A 432 23.83 7.30 7.26
CA ALA A 432 22.79 7.18 6.24
C ALA A 432 21.50 7.81 6.74
N SER A 433 21.17 7.53 7.99
CA SER A 433 20.00 8.10 8.64
C SER A 433 20.15 9.60 8.83
N GLY A 434 21.37 10.10 8.70
CA GLY A 434 21.60 11.53 8.71
C GLY A 434 21.27 12.14 7.36
N ILE A 435 21.81 11.52 6.30
CA ILE A 435 21.62 11.99 4.92
C ILE A 435 20.14 11.96 4.52
N SER A 436 19.43 10.96 5.03
CA SER A 436 18.00 10.78 4.74
C SER A 436 17.21 12.09 4.87
N GLN A 437 17.50 12.85 5.93
CA GLN A 437 16.84 14.13 6.18
C GLN A 437 17.00 15.10 5.01
N TYR A 438 18.26 15.35 4.63
CA TYR A 438 18.57 16.22 3.51
C TYR A 438 17.82 15.77 2.26
N LEU A 439 17.89 14.47 1.99
CA LEU A 439 17.14 13.90 0.86
C LEU A 439 15.65 14.26 0.95
N GLY A 440 15.11 14.21 2.16
CA GLY A 440 13.72 14.59 2.42
C GLY A 440 13.50 16.04 2.00
N GLY A 441 14.52 16.86 2.24
CA GLY A 441 14.49 18.24 1.82
C GLY A 441 14.38 18.38 0.31
N VAL A 442 15.26 17.68 -0.41
CA VAL A 442 15.26 17.81 -1.87
C VAL A 442 13.98 17.20 -2.45
N VAL A 443 13.33 16.33 -1.70
CA VAL A 443 12.06 15.76 -2.12
C VAL A 443 10.97 16.81 -1.96
N ALA A 444 10.98 17.49 -0.81
CA ALA A 444 10.04 18.54 -0.55
C ALA A 444 10.21 19.71 -1.52
N ASN A 445 11.39 19.78 -2.13
CA ASN A 445 11.66 20.78 -3.16
C ASN A 445 10.88 20.55 -4.45
N PHE A 446 10.34 19.35 -4.62
CA PHE A 446 9.56 19.06 -5.82
C PHE A 446 8.23 19.80 -5.82
N ALA A 447 7.83 20.29 -4.66
CA ALA A 447 6.63 21.11 -4.55
C ALA A 447 7.04 22.52 -4.19
N SER A 448 8.12 22.98 -4.80
CA SER A 448 8.61 24.32 -4.56
C SER A 448 7.76 25.30 -5.36
N VAL A 449 7.09 26.21 -4.65
CA VAL A 449 6.29 27.23 -5.30
C VAL A 449 7.09 28.50 -5.48
N PRO A 450 7.34 28.89 -6.74
CA PRO A 450 8.03 30.14 -7.06
C PRO A 450 7.40 31.33 -6.34
N GLN A 451 8.19 32.32 -5.98
CA GLN A 451 7.76 33.38 -5.08
C GLN A 451 6.68 34.27 -5.71
N ASP A 452 6.71 34.40 -7.02
CA ASP A 452 5.79 35.30 -7.73
C ASP A 452 4.46 34.61 -8.04
N LEU A 453 4.21 33.48 -7.39
CA LEU A 453 2.97 32.74 -7.57
C LEU A 453 2.23 32.61 -6.25
N VAL A 454 1.16 33.40 -6.08
CA VAL A 454 0.44 33.43 -4.81
C VAL A 454 -1.03 33.03 -4.98
N ASP A 455 -1.45 32.78 -6.21
CA ASP A 455 -2.83 32.36 -6.47
C ASP A 455 -2.97 30.89 -6.07
N PRO A 456 -3.55 30.64 -4.89
CA PRO A 456 -3.56 29.31 -4.27
C PRO A 456 -4.23 28.26 -5.15
N LEU A 457 -5.14 28.73 -6.00
CA LEU A 457 -5.85 27.86 -6.94
C LEU A 457 -4.88 27.19 -7.91
N GLN A 458 -3.69 27.77 -8.04
CA GLN A 458 -2.66 27.23 -8.92
C GLN A 458 -1.59 26.49 -8.13
N THR A 459 -1.46 26.83 -6.85
CA THR A 459 -0.46 26.22 -5.99
C THR A 459 -0.93 24.85 -5.52
N LEU A 460 -2.24 24.73 -5.30
CA LEU A 460 -2.83 23.49 -4.79
C LEU A 460 -2.43 22.21 -5.55
N PRO A 461 -2.46 22.22 -6.91
CA PRO A 461 -2.11 20.97 -7.59
C PRO A 461 -0.67 20.51 -7.35
N VAL A 462 0.29 21.43 -7.42
CA VAL A 462 1.71 21.06 -7.33
C VAL A 462 2.03 20.44 -5.97
N TYR A 463 1.22 20.75 -4.97
CA TYR A 463 1.31 20.12 -3.66
C TYR A 463 0.67 18.74 -3.70
N THR A 464 -0.53 18.66 -4.28
CA THR A 464 -1.25 17.40 -4.35
C THR A 464 -0.62 16.47 -5.37
N ASN A 465 0.21 17.02 -6.26
CA ASN A 465 0.94 16.18 -7.20
C ASN A 465 2.09 15.51 -6.49
N LEU A 466 2.82 16.27 -5.67
CA LEU A 466 3.85 15.68 -4.82
C LEU A 466 3.24 14.66 -3.87
N PHE A 467 2.17 15.08 -3.18
CA PHE A 467 1.54 14.26 -2.15
C PHE A 467 0.92 12.98 -2.72
N ASN A 468 0.33 13.06 -3.90
CA ASN A 468 -0.23 11.87 -4.53
C ASN A 468 0.89 10.97 -5.04
N LYS A 469 2.02 11.57 -5.40
CA LYS A 469 3.16 10.81 -5.88
C LYS A 469 3.89 10.13 -4.72
N LEU A 470 3.94 10.79 -3.57
CA LEU A 470 4.57 10.20 -2.39
C LEU A 470 3.77 8.99 -1.91
N GLY A 471 2.45 9.09 -2.00
CA GLY A 471 1.57 8.00 -1.60
C GLY A 471 1.88 6.71 -2.34
N VAL A 472 2.17 6.82 -3.63
CA VAL A 472 2.48 5.65 -4.45
C VAL A 472 3.84 5.08 -4.05
N ALA A 473 4.82 5.98 -3.90
CA ALA A 473 6.16 5.60 -3.49
C ALA A 473 6.14 4.80 -2.19
N ALA A 474 5.35 5.28 -1.22
CA ALA A 474 5.22 4.62 0.07
C ALA A 474 4.67 3.20 -0.06
N VAL A 475 3.81 2.99 -1.06
CA VAL A 475 3.22 1.67 -1.28
C VAL A 475 4.28 0.69 -1.81
N VAL A 476 5.20 1.20 -2.63
CA VAL A 476 6.29 0.37 -3.12
C VAL A 476 7.16 -0.07 -1.95
N CYS A 477 7.40 0.85 -1.02
CA CYS A 477 8.14 0.56 0.19
C CYS A 477 7.45 -0.51 1.02
N THR A 478 6.11 -0.51 1.00
CA THR A 478 5.33 -1.54 1.67
C THR A 478 5.62 -2.90 1.05
N ILE A 479 5.75 -2.93 -0.27
CA ILE A 479 6.03 -4.16 -1.00
C ILE A 479 7.44 -4.62 -0.66
N ILE A 480 8.37 -3.68 -0.62
CA ILE A 480 9.76 -3.97 -0.26
C ILE A 480 9.86 -4.66 1.09
N ALA A 481 9.13 -4.13 2.07
CA ALA A 481 9.16 -4.65 3.44
C ALA A 481 8.70 -6.10 3.54
N LEU A 482 7.58 -6.40 2.89
CA LEU A 482 7.01 -7.75 2.95
C LEU A 482 7.79 -8.74 2.08
N ALA A 483 8.47 -8.23 1.05
CA ALA A 483 9.23 -9.09 0.15
C ALA A 483 10.53 -9.54 0.81
N VAL A 484 11.08 -8.68 1.66
CA VAL A 484 12.33 -8.97 2.34
C VAL A 484 12.10 -9.73 3.65
N LEU A 485 10.82 -9.95 3.98
CA LEU A 485 10.47 -10.63 5.23
C LEU A 485 10.92 -12.10 5.33
N PRO A 486 10.91 -12.86 4.21
CA PRO A 486 11.46 -14.21 4.35
C PRO A 486 12.95 -14.21 4.66
N LEU A 487 13.65 -13.17 4.23
CA LEU A 487 15.09 -13.06 4.48
C LEU A 487 15.37 -12.83 5.96
N MET A 488 14.33 -12.42 6.70
CA MET A 488 14.44 -12.25 8.14
C MET A 488 14.20 -13.60 8.81
N ARG A 489 13.46 -14.46 8.11
CA ARG A 489 13.17 -15.79 8.60
C ARG A 489 14.33 -16.75 8.33
N ARG A 490 15.15 -16.43 7.32
CA ARG A 490 16.26 -17.30 6.95
C ARG A 490 17.36 -17.30 8.01
N LEU A 491 17.68 -16.12 8.54
CA LEU A 491 18.75 -15.98 9.52
C LEU A 491 18.41 -16.71 10.81
N THR A 492 17.15 -16.63 11.21
CA THR A 492 16.69 -17.28 12.43
C THR A 492 16.58 -18.79 12.25
N VAL B 8 -3.80 -47.87 -14.40
CA VAL B 8 -2.56 -47.77 -15.16
C VAL B 8 -1.50 -47.01 -14.37
N SER B 9 -1.73 -45.71 -14.20
CA SER B 9 -0.83 -44.86 -13.43
C SER B 9 -1.61 -43.67 -12.87
N LYS B 10 -1.02 -42.98 -11.90
CA LYS B 10 -1.64 -41.79 -11.32
C LYS B 10 -1.34 -40.58 -12.21
N THR B 11 -0.12 -40.54 -12.72
CA THR B 11 0.33 -39.45 -13.59
C THR B 11 -0.45 -39.44 -14.91
N HIS B 12 -0.79 -40.62 -15.40
CA HIS B 12 -1.57 -40.74 -16.64
C HIS B 12 -2.99 -40.21 -16.48
N SER B 13 -3.64 -40.61 -15.39
CA SER B 13 -5.00 -40.15 -15.10
C SER B 13 -5.00 -38.64 -14.92
N PHE B 14 -4.09 -38.17 -14.08
CA PHE B 14 -3.93 -36.73 -13.87
C PHE B 14 -3.65 -36.02 -15.20
N MET B 15 -2.98 -36.71 -16.10
CA MET B 15 -2.69 -36.17 -17.42
C MET B 15 -3.96 -36.01 -18.25
N THR B 16 -4.80 -37.04 -18.28
CA THR B 16 -6.02 -36.95 -19.09
C THR B 16 -6.95 -35.87 -18.54
N VAL B 17 -7.06 -35.79 -17.20
CA VAL B 17 -7.99 -34.83 -16.62
C VAL B 17 -7.44 -33.42 -16.81
N SER B 18 -6.11 -33.29 -16.76
CA SER B 18 -5.48 -32.00 -17.01
C SER B 18 -5.63 -31.59 -18.48
N LEU B 19 -5.71 -32.58 -19.36
CA LEU B 19 -5.89 -32.33 -20.78
C LEU B 19 -7.29 -31.82 -21.09
N ILE B 20 -8.30 -32.59 -20.69
CA ILE B 20 -9.68 -32.19 -20.93
C ILE B 20 -9.96 -30.86 -20.22
N GLU B 21 -9.36 -30.67 -19.04
CA GLU B 21 -9.42 -29.39 -18.35
C GLU B 21 -8.86 -28.28 -19.24
N LEU B 22 -7.66 -28.51 -19.75
CA LEU B 22 -6.97 -27.56 -20.61
C LEU B 22 -7.84 -27.10 -21.79
N TRP B 23 -8.45 -28.07 -22.48
CA TRP B 23 -9.26 -27.71 -23.65
C TRP B 23 -10.58 -27.04 -23.27
N GLU B 24 -11.16 -27.46 -22.16
CA GLU B 24 -12.37 -26.81 -21.65
C GLU B 24 -12.05 -25.34 -21.41
N ARG B 25 -10.99 -25.08 -20.66
CA ARG B 25 -10.58 -23.72 -20.32
C ARG B 25 -10.24 -22.93 -21.58
N PHE B 26 -9.64 -23.60 -22.55
CA PHE B 26 -9.42 -23.03 -23.87
C PHE B 26 -10.74 -22.44 -24.38
N GLY B 27 -11.75 -23.29 -24.46
CA GLY B 27 -13.07 -22.84 -24.89
C GLY B 27 -13.57 -21.65 -24.09
N TYR B 28 -13.68 -21.83 -22.77
CA TYR B 28 -14.26 -20.81 -21.91
C TYR B 28 -13.58 -19.46 -22.01
N TYR B 29 -12.27 -19.41 -21.79
CA TYR B 29 -11.57 -18.13 -21.78
C TYR B 29 -11.54 -17.55 -23.19
N GLY B 30 -11.54 -18.45 -24.18
CA GLY B 30 -11.72 -18.06 -25.57
C GLY B 30 -13.00 -17.29 -25.77
N MET B 31 -14.03 -17.63 -24.99
CA MET B 31 -15.31 -16.92 -25.06
C MET B 31 -15.31 -15.64 -24.21
N GLN B 32 -14.81 -15.74 -22.99
CA GLN B 32 -14.79 -14.61 -22.05
C GLN B 32 -14.03 -13.43 -22.63
N ALA B 33 -12.92 -13.72 -23.31
CA ALA B 33 -12.09 -12.67 -23.89
C ALA B 33 -12.88 -11.82 -24.89
N LEU B 34 -13.89 -12.42 -25.52
CA LEU B 34 -14.63 -11.74 -26.58
C LEU B 34 -16.07 -11.37 -26.23
N ILE B 35 -16.60 -11.85 -25.11
CA ILE B 35 -18.02 -11.68 -24.81
C ILE B 35 -18.40 -10.20 -24.58
N VAL B 36 -17.56 -9.46 -23.86
CA VAL B 36 -17.87 -8.08 -23.54
C VAL B 36 -17.83 -7.23 -24.80
N TYR B 37 -16.78 -7.43 -25.60
CA TYR B 37 -16.62 -6.73 -26.87
C TYR B 37 -17.74 -7.10 -27.83
N PHE B 38 -18.26 -8.31 -27.67
CA PHE B 38 -19.37 -8.78 -28.48
C PHE B 38 -20.60 -7.98 -28.11
N MET B 39 -20.84 -7.88 -26.80
CA MET B 39 -22.01 -7.16 -26.31
C MET B 39 -21.92 -5.67 -26.63
N VAL B 40 -20.71 -5.15 -26.74
CA VAL B 40 -20.52 -3.71 -26.96
C VAL B 40 -20.38 -3.31 -28.43
N GLN B 41 -19.52 -4.02 -29.17
CA GLN B 41 -19.23 -3.62 -30.55
C GLN B 41 -20.20 -4.24 -31.55
N ARG B 42 -20.40 -5.55 -31.44
CA ARG B 42 -21.26 -6.25 -32.40
C ARG B 42 -22.72 -6.06 -32.01
N LEU B 43 -23.04 -6.40 -30.76
CA LEU B 43 -24.33 -6.02 -30.19
C LEU B 43 -24.30 -4.52 -29.87
N GLY B 44 -25.44 -3.98 -29.45
CA GLY B 44 -25.56 -2.55 -29.25
C GLY B 44 -25.51 -2.07 -27.82
N PHE B 45 -25.17 -2.98 -26.90
CA PHE B 45 -25.18 -2.66 -25.48
C PHE B 45 -24.28 -1.48 -25.15
N ASP B 46 -24.72 -0.64 -24.22
CA ASP B 46 -23.83 0.37 -23.67
C ASP B 46 -23.04 -0.32 -22.56
N ASP B 47 -21.85 0.17 -22.28
CA ASP B 47 -20.91 -0.57 -21.44
C ASP B 47 -21.39 -0.81 -20.01
N SER B 48 -22.36 -0.02 -19.56
CA SER B 48 -22.95 -0.23 -18.25
C SER B 48 -23.68 -1.57 -18.22
N ARG B 49 -24.55 -1.78 -19.20
CA ARG B 49 -25.30 -3.03 -19.29
C ARG B 49 -24.37 -4.19 -19.58
N ALA B 50 -23.38 -3.97 -20.45
CA ALA B 50 -22.41 -5.01 -20.77
C ALA B 50 -21.75 -5.51 -19.49
N ASN B 51 -21.28 -4.55 -18.68
CA ASN B 51 -20.64 -4.86 -17.41
C ASN B 51 -21.59 -5.61 -16.46
N LEU B 52 -22.76 -5.03 -16.18
CA LEU B 52 -23.69 -5.64 -15.22
C LEU B 52 -24.13 -7.04 -15.64
N VAL B 53 -24.42 -7.21 -16.92
CA VAL B 53 -24.90 -8.49 -17.44
C VAL B 53 -23.78 -9.52 -17.39
N TRP B 54 -22.62 -9.18 -17.95
CA TRP B 54 -21.51 -10.12 -17.95
C TRP B 54 -21.10 -10.50 -16.52
N SER B 55 -21.26 -9.57 -15.59
CA SER B 55 -20.88 -9.80 -14.21
C SER B 55 -21.91 -10.68 -13.52
N ALA B 56 -23.17 -10.52 -13.91
CA ALA B 56 -24.23 -11.40 -13.41
C ALA B 56 -23.95 -12.83 -13.86
N CYS B 57 -23.61 -12.97 -15.15
CA CYS B 57 -23.28 -14.27 -15.71
C CYS B 57 -22.07 -14.87 -15.01
N ALA B 58 -21.09 -14.03 -14.71
CA ALA B 58 -19.89 -14.48 -14.03
C ALA B 58 -20.21 -14.99 -12.63
N ALA B 59 -21.03 -14.23 -11.91
CA ALA B 59 -21.47 -14.60 -10.57
C ALA B 59 -22.18 -15.96 -10.61
N LEU B 60 -23.08 -16.11 -11.58
CA LEU B 60 -23.79 -17.37 -11.77
C LEU B 60 -22.80 -18.50 -12.01
N ILE B 61 -21.85 -18.27 -12.91
CA ILE B 61 -20.83 -19.28 -13.24
C ILE B 61 -20.05 -19.71 -12.00
N TYR B 62 -19.74 -18.76 -11.12
CA TYR B 62 -18.90 -19.06 -9.97
C TYR B 62 -19.68 -19.60 -8.78
N VAL B 63 -20.99 -19.46 -8.80
CA VAL B 63 -21.83 -19.99 -7.74
C VAL B 63 -22.43 -21.33 -8.19
N SER B 64 -22.32 -21.60 -9.48
CA SER B 64 -22.89 -22.79 -10.11
C SER B 64 -22.28 -24.13 -9.67
N PRO B 65 -20.93 -24.23 -9.55
CA PRO B 65 -20.38 -25.56 -9.26
C PRO B 65 -20.82 -26.15 -7.92
N ALA B 66 -21.44 -25.34 -7.07
CA ALA B 66 -21.94 -25.81 -5.79
C ALA B 66 -22.94 -26.94 -5.98
N ILE B 67 -23.96 -26.71 -6.80
CA ILE B 67 -24.98 -27.72 -7.07
C ILE B 67 -24.40 -28.83 -7.93
N GLY B 68 -23.63 -28.46 -8.94
CA GLY B 68 -23.08 -29.41 -9.90
C GLY B 68 -22.13 -30.42 -9.29
N GLY B 69 -21.41 -30.01 -8.26
CA GLY B 69 -20.47 -30.87 -7.57
C GLY B 69 -21.20 -31.99 -6.83
N TRP B 70 -22.32 -31.63 -6.23
CA TRP B 70 -23.15 -32.56 -5.48
C TRP B 70 -23.80 -33.59 -6.40
N VAL B 71 -24.02 -33.21 -7.65
CA VAL B 71 -24.65 -34.08 -8.63
C VAL B 71 -23.74 -35.24 -9.04
N GLY B 72 -22.46 -34.93 -9.27
CA GLY B 72 -21.52 -35.93 -9.74
C GLY B 72 -21.11 -36.92 -8.66
N ASP B 73 -21.19 -36.48 -7.42
CA ASP B 73 -20.82 -37.31 -6.29
C ASP B 73 -21.98 -38.18 -5.82
N LYS B 74 -23.17 -37.60 -5.76
CA LYS B 74 -24.29 -38.22 -5.07
C LYS B 74 -25.51 -38.60 -5.94
N ILE B 75 -25.48 -38.27 -7.23
CA ILE B 75 -26.62 -38.61 -8.10
C ILE B 75 -26.16 -39.36 -9.34
N LEU B 76 -25.40 -38.69 -10.20
CA LEU B 76 -24.82 -39.34 -11.37
C LEU B 76 -23.37 -39.68 -11.07
N GLY B 77 -22.70 -40.33 -12.02
CA GLY B 77 -21.29 -40.59 -11.86
C GLY B 77 -20.51 -39.30 -11.97
N THR B 78 -19.43 -39.15 -11.22
CA THR B 78 -18.60 -37.96 -11.30
C THR B 78 -18.04 -37.83 -12.71
N LYS B 79 -17.60 -38.96 -13.26
CA LYS B 79 -17.16 -39.04 -14.64
C LYS B 79 -18.34 -38.78 -15.58
N ARG B 80 -19.47 -39.43 -15.29
CA ARG B 80 -20.71 -39.21 -16.03
C ARG B 80 -21.09 -37.74 -16.06
N THR B 81 -21.14 -37.12 -14.89
CA THR B 81 -21.50 -35.71 -14.76
C THR B 81 -20.52 -34.83 -15.53
N MET B 82 -19.23 -35.12 -15.42
CA MET B 82 -18.22 -34.38 -16.16
C MET B 82 -18.55 -34.40 -17.65
N LEU B 83 -18.83 -35.60 -18.16
CA LEU B 83 -19.20 -35.74 -19.57
C LEU B 83 -20.45 -34.94 -19.93
N LEU B 84 -21.49 -35.08 -19.13
CA LEU B 84 -22.76 -34.39 -19.37
C LEU B 84 -22.54 -32.88 -19.46
N GLY B 85 -21.79 -32.35 -18.50
CA GLY B 85 -21.42 -30.95 -18.47
C GLY B 85 -20.66 -30.54 -19.72
N ALA B 86 -19.74 -31.40 -20.16
CA ALA B 86 -18.94 -31.11 -21.35
C ALA B 86 -19.83 -31.00 -22.59
N GLY B 87 -20.74 -31.96 -22.75
CA GLY B 87 -21.66 -31.97 -23.87
C GLY B 87 -22.53 -30.73 -23.88
N ILE B 88 -23.13 -30.44 -22.73
CA ILE B 88 -23.96 -29.25 -22.58
C ILE B 88 -23.19 -27.99 -22.96
N LEU B 89 -21.94 -27.88 -22.49
CA LEU B 89 -21.08 -26.75 -22.83
C LEU B 89 -20.89 -26.60 -24.34
N SER B 90 -20.55 -27.72 -24.98
CA SER B 90 -20.38 -27.75 -26.43
C SER B 90 -21.65 -27.22 -27.12
N VAL B 91 -22.79 -27.66 -26.60
CA VAL B 91 -24.08 -27.21 -27.13
C VAL B 91 -24.22 -25.69 -26.97
N GLY B 92 -23.82 -25.18 -25.82
CA GLY B 92 -23.89 -23.74 -25.54
C GLY B 92 -23.09 -22.91 -26.53
N TYR B 93 -21.82 -23.27 -26.69
CA TYR B 93 -20.97 -22.53 -27.63
C TYR B 93 -21.58 -22.63 -29.02
N ALA B 94 -22.05 -23.82 -29.37
CA ALA B 94 -22.74 -24.04 -30.64
C ALA B 94 -23.87 -23.02 -30.82
N LEU B 95 -24.67 -22.84 -29.77
CA LEU B 95 -25.71 -21.82 -29.76
C LEU B 95 -25.16 -20.43 -30.00
N MET B 96 -23.97 -20.16 -29.44
CA MET B 96 -23.33 -18.86 -29.69
C MET B 96 -22.92 -18.71 -31.16
N THR B 97 -22.66 -19.83 -31.84
CA THR B 97 -22.10 -19.78 -33.19
C THR B 97 -23.07 -19.40 -34.31
N VAL B 98 -24.37 -19.54 -34.08
CA VAL B 98 -25.32 -19.18 -35.12
C VAL B 98 -25.53 -17.67 -35.16
N PRO B 99 -25.29 -17.07 -36.33
CA PRO B 99 -25.31 -15.62 -36.51
C PRO B 99 -26.73 -15.04 -36.43
N THR B 100 -27.29 -15.01 -35.24
CA THR B 100 -28.57 -14.35 -35.02
C THR B 100 -28.45 -13.38 -33.86
N GLU B 101 -28.59 -12.10 -34.17
CA GLU B 101 -28.43 -11.04 -33.17
C GLU B 101 -29.65 -10.89 -32.28
N ASN B 102 -30.10 -11.99 -31.70
CA ASN B 102 -31.23 -11.96 -30.79
C ASN B 102 -30.71 -12.08 -29.37
N THR B 103 -30.88 -11.02 -28.59
CA THR B 103 -30.36 -10.95 -27.23
C THR B 103 -30.75 -12.18 -26.42
N TRP B 104 -31.97 -12.65 -26.64
CA TRP B 104 -32.47 -13.85 -25.99
C TRP B 104 -31.71 -15.10 -26.39
N PHE B 105 -31.35 -15.18 -27.67
CA PHE B 105 -30.59 -16.31 -28.17
C PHE B 105 -29.25 -16.40 -27.42
N MET B 106 -28.53 -15.29 -27.38
CA MET B 106 -27.23 -15.24 -26.72
C MET B 106 -27.37 -15.49 -25.23
N PHE B 107 -28.40 -14.92 -24.62
CA PHE B 107 -28.65 -15.11 -23.20
C PHE B 107 -28.92 -16.57 -22.82
N SER B 108 -29.70 -17.25 -23.64
CA SER B 108 -29.96 -18.67 -23.43
C SER B 108 -28.68 -19.47 -23.62
N ALA B 109 -27.92 -19.11 -24.66
CA ALA B 109 -26.61 -19.73 -24.89
C ALA B 109 -25.73 -19.60 -23.64
N LEU B 110 -25.76 -18.42 -23.05
CA LEU B 110 -25.03 -18.12 -21.83
C LEU B 110 -25.53 -18.98 -20.67
N GLY B 111 -26.84 -19.19 -20.61
CA GLY B 111 -27.43 -20.04 -19.59
C GLY B 111 -26.89 -21.45 -19.70
N VAL B 112 -26.88 -21.95 -20.93
CA VAL B 112 -26.35 -23.28 -21.22
C VAL B 112 -24.88 -23.38 -20.82
N ILE B 113 -24.11 -22.34 -21.10
CA ILE B 113 -22.71 -22.31 -20.70
C ILE B 113 -22.59 -22.36 -19.17
N VAL B 114 -23.44 -21.60 -18.49
CA VAL B 114 -23.44 -21.57 -17.01
C VAL B 114 -23.69 -22.97 -16.44
N VAL B 115 -24.79 -23.60 -16.88
CA VAL B 115 -25.14 -24.93 -16.41
C VAL B 115 -24.04 -25.94 -16.71
N GLY B 116 -23.60 -26.00 -17.97
CA GLY B 116 -22.53 -26.90 -18.38
C GLY B 116 -21.27 -26.76 -17.56
N ASN B 117 -20.89 -25.53 -17.28
CA ASN B 117 -19.72 -25.25 -16.46
C ASN B 117 -19.91 -25.75 -15.04
N GLY B 118 -21.07 -25.43 -14.47
CA GLY B 118 -21.42 -25.88 -13.14
C GLY B 118 -21.38 -27.39 -12.99
N LEU B 119 -21.70 -28.09 -14.07
CA LEU B 119 -21.66 -29.55 -14.04
C LEU B 119 -20.25 -30.07 -14.29
N PHE B 120 -19.43 -29.28 -14.99
CA PHE B 120 -18.09 -29.76 -15.35
C PHE B 120 -17.02 -29.49 -14.29
N LYS B 121 -16.80 -28.23 -13.98
CA LYS B 121 -15.64 -27.81 -13.19
C LYS B 121 -15.41 -28.54 -11.85
N PRO B 122 -16.44 -28.62 -10.98
CA PRO B 122 -16.14 -29.18 -9.66
C PRO B 122 -15.88 -30.69 -9.66
N ASN B 123 -16.33 -31.40 -10.68
CA ASN B 123 -16.19 -32.85 -10.72
C ASN B 123 -14.89 -33.33 -11.36
N ALA B 124 -14.37 -32.58 -12.32
CA ALA B 124 -13.06 -32.85 -12.86
C ALA B 124 -12.01 -32.58 -11.79
N GLY B 125 -12.29 -31.58 -10.96
CA GLY B 125 -11.44 -31.24 -9.84
C GLY B 125 -11.46 -32.33 -8.79
N ASN B 126 -12.61 -33.00 -8.68
CA ASN B 126 -12.72 -34.13 -7.76
C ASN B 126 -11.89 -35.30 -8.24
N LEU B 127 -11.82 -35.48 -9.56
CA LEU B 127 -11.02 -36.56 -10.13
C LEU B 127 -9.56 -36.41 -9.71
N VAL B 128 -8.98 -35.25 -9.95
CA VAL B 128 -7.61 -34.95 -9.55
C VAL B 128 -7.42 -35.27 -8.07
N ARG B 129 -8.46 -34.97 -7.28
CA ARG B 129 -8.41 -35.20 -5.85
C ARG B 129 -8.49 -36.69 -5.52
N LYS B 130 -9.19 -37.45 -6.36
CA LYS B 130 -9.32 -38.89 -6.15
C LYS B 130 -8.21 -39.67 -6.86
N ILE B 131 -7.56 -39.04 -7.83
CA ILE B 131 -6.46 -39.67 -8.55
C ILE B 131 -5.19 -39.71 -7.67
N TYR B 132 -5.13 -38.81 -6.69
CA TYR B 132 -3.95 -38.72 -5.84
C TYR B 132 -4.29 -38.95 -4.37
N GLU B 133 -5.52 -39.41 -4.13
CA GLU B 133 -5.91 -39.97 -2.83
C GLU B 133 -5.69 -38.98 -1.67
N SER B 137 -1.24 -35.38 -0.12
CA SER B 137 -0.49 -34.13 -0.07
C SER B 137 0.20 -33.86 -1.40
N LYS B 138 0.23 -34.88 -2.26
CA LYS B 138 0.76 -34.73 -3.61
C LYS B 138 -0.34 -34.22 -4.54
N ILE B 139 -1.51 -33.97 -3.95
CA ILE B 139 -2.64 -33.40 -4.69
C ILE B 139 -2.36 -31.91 -4.94
N ASP B 140 -1.41 -31.36 -4.20
CA ASP B 140 -0.96 -29.99 -4.44
C ASP B 140 0.02 -30.00 -5.60
N SER B 141 0.91 -30.97 -5.60
CA SER B 141 1.81 -31.23 -6.72
C SER B 141 0.99 -31.38 -7.99
N ALA B 142 -0.15 -32.05 -7.86
CA ALA B 142 -1.07 -32.22 -8.97
C ALA B 142 -1.70 -30.87 -9.32
N PHE B 143 -2.39 -30.28 -8.35
CA PHE B 143 -3.23 -29.09 -8.58
C PHE B 143 -2.46 -27.90 -9.14
N THR B 144 -1.17 -27.81 -8.83
CA THR B 144 -0.34 -26.73 -9.37
C THR B 144 -0.13 -26.93 -10.87
N ILE B 145 0.24 -28.15 -11.26
CA ILE B 145 0.40 -28.51 -12.67
C ILE B 145 -0.92 -28.32 -13.41
N TYR B 146 -1.99 -28.76 -12.77
CA TYR B 146 -3.37 -28.55 -13.22
C TYR B 146 -3.60 -27.09 -13.58
N TYR B 147 -3.35 -26.23 -12.61
CA TYR B 147 -3.47 -24.79 -12.74
C TYR B 147 -2.65 -24.26 -13.92
N MET B 148 -1.44 -24.79 -14.07
CA MET B 148 -0.58 -24.40 -15.18
C MET B 148 -1.22 -24.76 -16.53
N ALA B 149 -1.81 -25.96 -16.58
CA ALA B 149 -2.50 -26.43 -17.79
C ALA B 149 -3.65 -25.49 -18.15
N VAL B 150 -4.44 -25.14 -17.14
CA VAL B 150 -5.49 -24.13 -17.30
C VAL B 150 -4.92 -22.88 -17.94
N ASN B 151 -3.81 -22.40 -17.39
CA ASN B 151 -3.21 -21.15 -17.87
C ASN B 151 -2.66 -21.22 -19.31
N VAL B 152 -2.05 -22.33 -19.69
CA VAL B 152 -1.52 -22.43 -21.06
C VAL B 152 -2.66 -22.55 -22.05
N GLY B 153 -3.67 -23.36 -21.72
CA GLY B 153 -4.86 -23.46 -22.56
C GLY B 153 -5.50 -22.10 -22.77
N SER B 154 -5.76 -21.42 -21.65
CA SER B 154 -6.41 -20.12 -21.67
C SER B 154 -5.57 -19.06 -22.40
N THR B 155 -4.25 -19.20 -22.31
CA THR B 155 -3.34 -18.32 -23.04
C THR B 155 -3.56 -18.52 -24.52
N PHE B 156 -3.54 -19.79 -24.93
CA PHE B 156 -3.70 -20.18 -26.32
C PHE B 156 -4.99 -19.62 -26.90
N SER B 157 -6.08 -19.75 -26.15
CA SER B 157 -7.37 -19.28 -26.63
C SER B 157 -7.44 -17.77 -26.67
N MET B 158 -7.06 -17.14 -25.57
CA MET B 158 -7.14 -15.69 -25.43
C MET B 158 -6.24 -14.99 -26.44
N LEU B 159 -5.28 -15.73 -26.99
CA LEU B 159 -4.45 -15.20 -28.05
C LEU B 159 -5.00 -15.54 -29.44
N LEU B 160 -5.68 -16.69 -29.54
CA LEU B 160 -6.15 -17.16 -30.84
C LEU B 160 -7.49 -16.56 -31.29
N THR B 161 -8.52 -16.72 -30.46
CA THR B 161 -9.89 -16.39 -30.86
C THR B 161 -10.14 -14.92 -31.27
N PRO B 162 -9.50 -13.94 -30.59
CA PRO B 162 -9.78 -12.57 -31.07
C PRO B 162 -9.24 -12.35 -32.47
N TRP B 163 -8.15 -13.04 -32.79
CA TRP B 163 -7.55 -12.95 -34.11
C TRP B 163 -8.47 -13.54 -35.17
N ILE B 164 -9.17 -14.62 -34.80
CA ILE B 164 -10.16 -15.22 -35.69
C ILE B 164 -11.25 -14.19 -35.94
N LYS B 165 -11.69 -13.51 -34.87
CA LYS B 165 -12.73 -12.50 -34.96
C LYS B 165 -12.34 -11.43 -35.98
N ASP B 166 -11.13 -10.90 -35.83
CA ASP B 166 -10.63 -9.85 -36.71
C ASP B 166 -10.48 -10.36 -38.14
N TYR B 167 -9.86 -11.53 -38.29
CA TYR B 167 -9.57 -12.08 -39.60
C TYR B 167 -10.84 -12.32 -40.41
N VAL B 168 -11.80 -13.01 -39.80
CA VAL B 168 -13.05 -13.35 -40.47
C VAL B 168 -13.87 -12.09 -40.73
N ASN B 169 -13.83 -11.13 -39.81
CA ASN B 169 -14.52 -9.85 -39.99
C ASN B 169 -14.00 -9.05 -41.18
N ALA B 170 -12.83 -9.43 -41.68
CA ALA B 170 -12.21 -8.78 -42.82
C ALA B 170 -12.56 -9.51 -44.10
N GLN B 171 -12.52 -10.84 -44.04
CA GLN B 171 -12.81 -11.67 -45.21
C GLN B 171 -14.31 -11.78 -45.45
N TYR B 172 -15.09 -11.49 -44.41
CA TYR B 172 -16.55 -11.56 -44.51
C TYR B 172 -17.18 -10.36 -43.81
N GLY B 173 -18.48 -10.18 -44.00
CA GLY B 173 -19.16 -8.98 -43.52
C GLY B 173 -19.78 -9.14 -42.15
N ASN B 174 -19.17 -8.51 -41.13
CA ASN B 174 -19.73 -8.45 -39.78
C ASN B 174 -19.98 -9.82 -39.15
N GLU B 175 -20.84 -10.61 -39.79
CA GLU B 175 -21.14 -11.96 -39.34
C GLU B 175 -20.60 -12.96 -40.36
N PHE B 176 -19.95 -14.03 -39.92
CA PHE B 176 -19.81 -14.36 -38.49
C PHE B 176 -18.78 -13.53 -37.75
N GLY B 177 -17.50 -13.77 -38.02
CA GLY B 177 -16.43 -13.10 -37.30
C GLY B 177 -16.44 -13.51 -35.83
N TRP B 178 -17.34 -12.91 -35.06
CA TRP B 178 -17.50 -13.24 -33.65
C TRP B 178 -17.97 -14.69 -33.48
N HIS B 179 -19.01 -15.03 -34.24
CA HIS B 179 -19.60 -16.35 -34.19
C HIS B 179 -18.60 -17.40 -34.67
N ALA B 180 -17.71 -16.99 -35.58
CA ALA B 180 -16.60 -17.84 -36.01
C ALA B 180 -15.71 -18.19 -34.81
N ALA B 181 -15.37 -17.17 -34.03
CA ALA B 181 -14.57 -17.35 -32.83
C ALA B 181 -15.25 -18.30 -31.85
N PHE B 182 -16.54 -18.08 -31.63
CA PHE B 182 -17.30 -18.96 -30.76
C PHE B 182 -17.30 -20.40 -31.29
N ALA B 183 -17.25 -20.54 -32.61
CA ALA B 183 -17.12 -21.85 -33.23
C ALA B 183 -15.78 -22.47 -32.88
N VAL B 184 -14.72 -21.66 -32.92
CA VAL B 184 -13.41 -22.10 -32.48
C VAL B 184 -13.47 -22.64 -31.06
N CYS B 185 -14.13 -21.90 -30.17
CA CYS B 185 -14.37 -22.37 -28.80
C CYS B 185 -15.05 -23.74 -28.79
N CYS B 186 -16.11 -23.85 -29.58
CA CYS B 186 -16.90 -25.07 -29.66
C CYS B 186 -16.05 -26.27 -30.04
N VAL B 187 -15.27 -26.13 -31.11
CA VAL B 187 -14.41 -27.23 -31.55
C VAL B 187 -13.26 -27.43 -30.58
N GLY B 188 -13.01 -26.44 -29.72
CA GLY B 188 -12.08 -26.62 -28.62
C GLY B 188 -12.65 -27.66 -27.67
N ILE B 189 -13.89 -27.42 -27.25
CA ILE B 189 -14.59 -28.37 -26.39
C ILE B 189 -14.65 -29.75 -27.04
N LEU B 190 -14.98 -29.78 -28.33
CA LEU B 190 -15.04 -31.02 -29.08
C LEU B 190 -13.70 -31.75 -29.06
N VAL B 191 -12.62 -30.99 -29.21
CA VAL B 191 -11.28 -31.57 -29.16
C VAL B 191 -11.05 -32.23 -27.79
N GLY B 192 -11.40 -31.51 -26.73
CA GLY B 192 -11.25 -32.05 -25.39
C GLY B 192 -12.04 -33.34 -25.20
N LEU B 193 -13.28 -33.33 -25.69
CA LEU B 193 -14.16 -34.49 -25.60
C LEU B 193 -13.58 -35.67 -26.37
N GLY B 194 -12.97 -35.39 -27.51
CA GLY B 194 -12.32 -36.42 -28.29
C GLY B 194 -11.17 -37.03 -27.52
N ASN B 195 -10.41 -36.16 -26.84
CA ASN B 195 -9.32 -36.60 -25.98
C ASN B 195 -9.82 -37.59 -24.93
N TYR B 196 -10.76 -37.12 -24.10
CA TYR B 196 -11.32 -37.99 -23.07
C TYR B 196 -11.84 -39.28 -23.66
N ALA B 197 -12.60 -39.19 -24.75
CA ALA B 197 -13.15 -40.37 -25.40
C ALA B 197 -12.04 -41.36 -25.77
N LEU B 198 -10.89 -40.82 -26.17
CA LEU B 198 -9.76 -41.66 -26.55
C LEU B 198 -8.87 -42.03 -25.36
N MET B 199 -9.26 -41.65 -24.15
CA MET B 199 -8.47 -42.04 -22.97
C MET B 199 -9.31 -42.38 -21.73
N HIS B 200 -10.58 -42.74 -21.94
CA HIS B 200 -11.60 -42.61 -20.91
C HIS B 200 -11.41 -43.57 -19.70
N LYS B 201 -11.74 -44.86 -19.85
CA LYS B 201 -11.54 -45.82 -18.78
C LYS B 201 -10.04 -46.03 -18.60
N SER B 202 -9.31 -45.84 -19.70
CA SER B 202 -7.86 -45.94 -19.72
C SER B 202 -7.22 -45.22 -18.54
N LEU B 203 -7.34 -43.89 -18.53
CA LEU B 203 -6.73 -43.12 -17.46
C LEU B 203 -7.62 -43.06 -16.21
N ALA B 204 -8.81 -42.48 -16.35
CA ALA B 204 -9.73 -42.29 -15.21
C ALA B 204 -9.96 -43.58 -14.42
N ASN B 205 -10.47 -44.61 -15.09
CA ASN B 205 -10.68 -45.92 -14.50
C ASN B 205 -11.42 -45.88 -13.16
N TYR B 206 -10.67 -45.63 -12.09
CA TYR B 206 -11.24 -45.57 -10.75
C TYR B 206 -11.43 -44.13 -10.32
N GLY B 207 -12.61 -43.85 -9.78
CA GLY B 207 -13.00 -42.50 -9.40
C GLY B 207 -14.51 -42.46 -9.29
N SER B 208 -15.03 -41.44 -8.60
CA SER B 208 -16.47 -41.20 -8.45
C SER B 208 -17.07 -42.07 -7.35
N GLU B 209 -18.10 -41.55 -6.69
CA GLU B 209 -18.76 -42.27 -5.62
C GLU B 209 -19.87 -43.20 -6.12
N PRO B 210 -20.58 -42.77 -7.18
CA PRO B 210 -21.69 -43.60 -7.64
C PRO B 210 -21.65 -43.89 -9.15
N ASP B 211 -20.45 -43.98 -9.71
CA ASP B 211 -20.31 -44.35 -11.11
C ASP B 211 -19.95 -45.82 -11.19
N THR B 212 -19.88 -46.47 -10.03
CA THR B 212 -19.58 -47.89 -9.95
C THR B 212 -20.80 -48.72 -10.32
N ARG B 213 -21.90 -48.03 -10.59
CA ARG B 213 -23.15 -48.67 -11.00
C ARG B 213 -23.69 -47.97 -12.24
N PRO B 214 -24.77 -48.51 -12.82
CA PRO B 214 -25.30 -47.87 -14.02
C PRO B 214 -25.97 -46.53 -13.72
N VAL B 215 -26.18 -45.71 -14.75
CA VAL B 215 -26.78 -44.40 -14.59
C VAL B 215 -28.28 -44.53 -14.27
N ASN B 216 -28.76 -43.71 -13.34
CA ASN B 216 -30.16 -43.75 -12.94
C ASN B 216 -31.02 -42.85 -13.82
N LYS B 217 -31.63 -43.46 -14.84
CA LYS B 217 -32.40 -42.77 -15.86
C LYS B 217 -33.46 -41.84 -15.29
N LYS B 218 -34.00 -42.19 -14.12
CA LYS B 218 -34.96 -41.34 -13.44
C LYS B 218 -34.28 -40.02 -13.07
N SER B 219 -33.14 -40.14 -12.39
CA SER B 219 -32.43 -38.98 -11.87
C SER B 219 -31.67 -38.29 -12.99
N LEU B 220 -31.30 -39.04 -14.02
CA LEU B 220 -30.61 -38.47 -15.17
C LEU B 220 -31.60 -37.57 -15.90
N ALA B 221 -32.82 -38.07 -16.05
CA ALA B 221 -33.90 -37.31 -16.67
C ALA B 221 -34.18 -36.05 -15.86
N ILE B 222 -34.47 -36.20 -14.57
CA ILE B 222 -34.82 -35.06 -13.73
C ILE B 222 -33.67 -34.03 -13.71
N VAL B 223 -32.43 -34.51 -13.81
CA VAL B 223 -31.28 -33.63 -13.83
C VAL B 223 -31.30 -32.81 -15.12
N LEU B 224 -31.56 -33.48 -16.25
CA LEU B 224 -31.62 -32.76 -17.52
C LEU B 224 -32.77 -31.73 -17.55
N ALA B 225 -33.91 -32.11 -17.00
CA ALA B 225 -35.06 -31.22 -16.92
C ALA B 225 -34.70 -29.96 -16.12
N LEU B 226 -34.24 -30.16 -14.88
CA LEU B 226 -33.86 -29.03 -14.04
C LEU B 226 -32.71 -28.23 -14.65
N ALA B 227 -31.94 -28.87 -15.53
CA ALA B 227 -30.86 -28.19 -16.23
C ALA B 227 -31.44 -27.20 -17.23
N ALA B 228 -32.43 -27.65 -17.99
CA ALA B 228 -33.14 -26.78 -18.92
C ALA B 228 -33.79 -25.61 -18.17
N LEU B 229 -34.48 -25.95 -17.08
CA LEU B 229 -35.13 -24.94 -16.24
C LEU B 229 -34.11 -23.91 -15.76
N SER B 230 -32.94 -24.40 -15.37
CA SER B 230 -31.88 -23.53 -14.86
C SER B 230 -31.30 -22.66 -15.97
N VAL B 231 -31.32 -23.18 -17.20
CA VAL B 231 -30.89 -22.39 -18.35
C VAL B 231 -31.84 -21.23 -18.55
N VAL B 232 -33.14 -21.52 -18.45
CA VAL B 232 -34.15 -20.46 -18.56
C VAL B 232 -33.97 -19.41 -17.46
N ALA B 233 -33.89 -19.88 -16.21
CA ALA B 233 -33.69 -19.00 -15.06
C ALA B 233 -32.47 -18.10 -15.25
N SER B 234 -31.38 -18.71 -15.71
CA SER B 234 -30.14 -17.99 -15.99
C SER B 234 -30.36 -16.91 -17.04
N ALA B 235 -30.86 -17.30 -18.20
CA ALA B 235 -31.13 -16.37 -19.31
C ALA B 235 -31.98 -15.18 -18.87
N ILE B 236 -33.00 -15.46 -18.06
CA ILE B 236 -33.88 -14.40 -17.56
C ILE B 236 -33.13 -13.48 -16.61
N ILE B 237 -32.31 -14.06 -15.74
CA ILE B 237 -31.50 -13.29 -14.79
C ILE B 237 -30.55 -12.35 -15.55
N LEU B 238 -30.01 -12.84 -16.66
CA LEU B 238 -29.10 -12.07 -17.49
C LEU B 238 -29.83 -10.94 -18.20
N GLU B 239 -30.98 -11.26 -18.78
CA GLU B 239 -31.79 -10.26 -19.51
C GLU B 239 -32.09 -9.02 -18.68
N TYR B 240 -32.81 -9.21 -17.59
CA TYR B 240 -33.29 -8.10 -16.77
C TYR B 240 -32.31 -7.76 -15.67
N GLU B 241 -31.68 -6.58 -15.79
CA GLU B 241 -30.70 -6.12 -14.81
C GLU B 241 -31.27 -6.08 -13.40
N ASP B 242 -32.54 -5.72 -13.30
CA ASP B 242 -33.20 -5.59 -12.00
C ASP B 242 -33.36 -6.96 -11.34
N VAL B 243 -33.68 -7.96 -12.15
CA VAL B 243 -33.80 -9.34 -11.67
C VAL B 243 -32.46 -9.79 -11.08
N ALA B 244 -31.40 -9.57 -11.83
CA ALA B 244 -30.05 -9.92 -11.39
C ALA B 244 -29.72 -9.21 -10.09
N ARG B 245 -29.95 -7.90 -10.06
CA ARG B 245 -29.67 -7.08 -8.88
C ARG B 245 -30.39 -7.59 -7.64
N VAL B 246 -31.67 -7.89 -7.77
CA VAL B 246 -32.47 -8.37 -6.65
C VAL B 246 -31.99 -9.75 -6.20
N PHE B 247 -31.69 -10.63 -7.15
CA PHE B 247 -31.23 -11.98 -6.86
C PHE B 247 -29.91 -11.93 -6.07
N VAL B 248 -28.96 -11.17 -6.60
CA VAL B 248 -27.64 -11.00 -5.98
C VAL B 248 -27.77 -10.38 -4.60
N TYR B 249 -28.58 -9.33 -4.50
CA TYR B 249 -28.85 -8.66 -3.24
C TYR B 249 -29.41 -9.63 -2.21
N ALA B 250 -30.29 -10.52 -2.67
CA ALA B 250 -30.89 -11.54 -1.84
C ALA B 250 -29.82 -12.47 -1.30
N ALA B 251 -28.95 -12.93 -2.19
CA ALA B 251 -27.84 -13.80 -1.78
C ALA B 251 -26.94 -13.09 -0.76
N GLY B 252 -26.87 -11.76 -0.88
CA GLY B 252 -26.05 -10.94 0.00
C GLY B 252 -26.65 -10.92 1.39
N VAL B 253 -27.95 -10.64 1.45
CA VAL B 253 -28.67 -10.66 2.73
C VAL B 253 -28.57 -12.05 3.36
N ALA B 254 -28.58 -13.08 2.50
CA ALA B 254 -28.47 -14.46 2.94
C ALA B 254 -27.16 -14.72 3.67
N VAL B 255 -26.03 -14.47 3.00
CA VAL B 255 -24.74 -14.71 3.63
C VAL B 255 -24.55 -13.80 4.84
N LEU B 256 -25.10 -12.58 4.76
CA LEU B 256 -25.10 -11.65 5.88
C LEU B 256 -25.77 -12.27 7.10
N GLY B 257 -26.90 -12.93 6.87
CA GLY B 257 -27.65 -13.58 7.93
C GLY B 257 -26.91 -14.78 8.49
N ILE B 258 -26.32 -15.58 7.61
CA ILE B 258 -25.54 -16.74 8.04
C ILE B 258 -24.40 -16.33 8.96
N PHE B 259 -23.61 -15.35 8.54
CA PHE B 259 -22.52 -14.86 9.37
C PHE B 259 -23.04 -14.17 10.63
N PHE B 260 -24.21 -13.56 10.54
CA PHE B 260 -24.84 -12.93 11.70
C PHE B 260 -25.18 -13.95 12.77
N HIS B 261 -25.66 -15.12 12.33
CA HIS B 261 -26.08 -16.16 13.26
C HIS B 261 -24.90 -16.96 13.77
N LEU B 262 -23.86 -17.06 12.94
CA LEU B 262 -22.66 -17.80 13.28
C LEU B 262 -21.96 -17.26 14.53
N ILE B 263 -21.99 -15.95 14.72
CA ILE B 263 -21.27 -15.32 15.83
C ILE B 263 -22.01 -15.38 17.16
N ARG B 264 -23.32 -15.51 17.11
CA ARG B 264 -24.15 -15.55 18.32
C ARG B 264 -23.98 -16.86 19.09
N PRO B 268 -17.78 -16.12 22.36
CA PRO B 268 -16.77 -15.73 23.36
C PRO B 268 -15.37 -16.17 22.96
N SER B 269 -15.13 -17.48 22.99
CA SER B 269 -13.83 -18.04 22.62
C SER B 269 -13.77 -18.27 21.11
N GLU B 270 -14.93 -18.52 20.51
CA GLU B 270 -15.02 -18.81 19.08
C GLU B 270 -14.77 -17.58 18.21
N ARG B 271 -15.16 -16.40 18.72
CA ARG B 271 -15.11 -15.15 17.96
C ARG B 271 -13.74 -14.83 17.37
N ALA B 272 -12.68 -15.28 18.03
CA ALA B 272 -11.32 -15.08 17.53
C ALA B 272 -11.16 -15.69 16.14
N GLY B 273 -11.89 -16.78 15.90
CA GLY B 273 -11.89 -17.43 14.61
C GLY B 273 -12.93 -16.86 13.68
N LEU B 274 -14.11 -16.59 14.22
CA LEU B 274 -15.24 -16.10 13.42
C LEU B 274 -15.01 -14.71 12.83
N ILE B 275 -14.71 -13.73 13.67
CA ILE B 275 -14.49 -12.36 13.20
C ILE B 275 -13.34 -12.33 12.20
N ALA B 276 -12.28 -13.08 12.50
CA ALA B 276 -11.15 -13.24 11.60
C ALA B 276 -11.60 -13.77 10.25
N ALA B 277 -12.42 -14.81 10.28
CA ALA B 277 -12.98 -15.41 9.06
C ALA B 277 -13.81 -14.40 8.27
N LEU B 278 -14.53 -13.55 8.99
CA LEU B 278 -15.38 -12.53 8.39
C LEU B 278 -14.53 -11.52 7.63
N ILE B 279 -13.50 -10.99 8.30
CA ILE B 279 -12.58 -10.05 7.69
C ILE B 279 -11.94 -10.71 6.47
N LEU B 280 -11.56 -11.97 6.61
CA LEU B 280 -11.00 -12.75 5.52
C LEU B 280 -11.93 -12.77 4.30
N THR B 281 -13.21 -13.08 4.53
CA THR B 281 -14.15 -13.26 3.43
C THR B 281 -14.46 -11.91 2.75
N VAL B 282 -14.52 -10.83 3.53
CA VAL B 282 -14.77 -9.52 2.91
C VAL B 282 -13.53 -9.05 2.14
N GLN B 283 -12.35 -9.42 2.61
CA GLN B 283 -11.12 -9.15 1.88
C GLN B 283 -11.15 -9.90 0.56
N THR B 284 -11.63 -11.14 0.63
CA THR B 284 -11.78 -11.96 -0.57
C THR B 284 -12.72 -11.26 -1.55
N VAL B 285 -13.82 -10.71 -1.03
CA VAL B 285 -14.75 -9.92 -1.84
C VAL B 285 -14.03 -8.78 -2.57
N PHE B 286 -13.28 -7.98 -1.82
CA PHE B 286 -12.46 -6.90 -2.39
C PHE B 286 -11.61 -7.43 -3.54
N PHE B 287 -10.82 -8.47 -3.24
CA PHE B 287 -9.89 -9.01 -4.21
C PHE B 287 -10.59 -9.47 -5.48
N PHE B 288 -11.77 -10.07 -5.32
CA PHE B 288 -12.51 -10.57 -6.46
C PHE B 288 -13.12 -9.45 -7.29
N ILE B 289 -13.49 -8.35 -6.65
CA ILE B 289 -13.87 -7.15 -7.40
C ILE B 289 -12.69 -6.71 -8.28
N PHE B 290 -11.53 -6.57 -7.63
CA PHE B 290 -10.31 -6.18 -8.33
C PHE B 290 -9.98 -7.13 -9.48
N TYR B 291 -10.23 -8.42 -9.29
CA TYR B 291 -10.05 -9.41 -10.34
C TYR B 291 -11.04 -9.13 -11.46
N GLN B 292 -12.29 -8.89 -11.08
CA GLN B 292 -13.39 -8.71 -12.02
C GLN B 292 -13.14 -7.55 -12.96
N GLN B 293 -12.35 -6.58 -12.50
CA GLN B 293 -12.04 -5.43 -13.34
C GLN B 293 -11.38 -5.74 -14.70
N MET B 294 -10.62 -6.83 -14.80
CA MET B 294 -9.89 -7.10 -16.04
C MET B 294 -10.83 -7.60 -17.13
N SER B 295 -11.94 -8.22 -16.74
CA SER B 295 -12.89 -8.73 -17.71
C SER B 295 -13.69 -7.60 -18.35
N THR B 296 -13.86 -6.50 -17.61
CA THR B 296 -14.76 -5.42 -18.02
C THR B 296 -14.05 -4.11 -18.33
N SER B 297 -13.97 -3.25 -17.32
CA SER B 297 -13.51 -1.87 -17.49
C SER B 297 -12.10 -1.78 -18.05
N LEU B 298 -11.21 -2.66 -17.61
CA LEU B 298 -9.84 -2.68 -18.10
C LEU B 298 -9.80 -3.13 -19.56
N ALA B 299 -10.69 -4.05 -19.91
CA ALA B 299 -10.80 -4.51 -21.29
C ALA B 299 -11.30 -3.40 -22.21
N LEU B 300 -12.34 -2.69 -21.75
CA LEU B 300 -12.89 -1.57 -22.48
C LEU B 300 -11.84 -0.48 -22.66
N PHE B 301 -11.10 -0.23 -21.57
CA PHE B 301 -9.99 0.71 -21.57
C PHE B 301 -8.95 0.32 -22.61
N ALA B 302 -8.67 -0.97 -22.69
CA ALA B 302 -7.73 -1.49 -23.68
C ALA B 302 -8.28 -1.21 -25.07
N LEU B 303 -9.59 -1.32 -25.22
CA LEU B 303 -10.25 -1.15 -26.51
C LEU B 303 -10.24 0.30 -26.99
N ARG B 304 -10.42 1.24 -26.08
CA ARG B 304 -10.68 2.63 -26.48
C ARG B 304 -9.55 3.61 -26.17
N ASN B 305 -8.62 3.24 -25.30
CA ASN B 305 -7.56 4.15 -24.89
C ASN B 305 -6.15 3.57 -24.86
N VAL B 306 -5.88 2.58 -25.70
CA VAL B 306 -4.56 1.97 -25.75
C VAL B 306 -4.09 1.83 -27.19
N ASP B 307 -2.89 2.33 -27.48
CA ASP B 307 -2.31 2.17 -28.80
C ASP B 307 -1.98 0.69 -29.04
N TRP B 308 -2.73 0.07 -29.95
CA TRP B 308 -2.57 -1.35 -30.25
C TRP B 308 -1.21 -1.66 -30.90
N ASP B 309 -0.42 -0.62 -31.14
CA ASP B 309 0.91 -0.79 -31.71
C ASP B 309 1.93 -1.01 -30.60
N PHE B 310 2.32 -2.26 -30.41
CA PHE B 310 3.28 -2.63 -29.37
C PHE B 310 4.72 -2.47 -29.87
N GLN B 311 5.45 -1.54 -29.27
CA GLN B 311 6.82 -1.27 -29.70
C GLN B 311 7.86 -1.71 -28.68
N VAL B 312 8.75 -2.60 -29.10
CA VAL B 312 9.95 -2.93 -28.33
C VAL B 312 11.04 -1.93 -28.66
N PHE B 313 11.20 -0.92 -27.80
CA PHE B 313 12.12 0.21 -28.01
C PHE B 313 13.42 -0.18 -28.72
N GLY B 314 13.50 0.12 -30.01
CA GLY B 314 12.43 0.83 -30.69
C GLY B 314 12.02 0.29 -32.04
N THR B 315 11.53 -0.96 -32.07
CA THR B 315 10.97 -1.54 -33.28
C THR B 315 9.46 -1.72 -33.14
N HIS B 316 8.85 -2.52 -34.00
CA HIS B 316 7.40 -2.42 -34.22
C HIS B 316 6.52 -3.60 -33.78
N LEU B 317 7.03 -4.82 -33.89
CA LEU B 317 6.20 -6.02 -33.69
C LEU B 317 5.54 -6.10 -32.30
N TRP B 318 4.24 -6.40 -32.27
CA TRP B 318 3.41 -6.44 -33.48
C TRP B 318 2.27 -5.42 -33.35
N THR B 319 1.03 -5.85 -33.57
CA THR B 319 -0.13 -4.98 -33.39
C THR B 319 -1.24 -5.72 -32.67
N TRP B 320 -1.56 -5.26 -31.47
CA TRP B 320 -2.54 -5.94 -30.62
C TRP B 320 -3.96 -5.91 -31.18
N SER B 321 -4.75 -6.88 -30.76
CA SER B 321 -6.21 -6.82 -30.85
C SER B 321 -6.73 -6.77 -29.43
N PRO B 322 -7.42 -5.67 -29.06
CA PRO B 322 -7.75 -5.26 -27.69
C PRO B 322 -7.98 -6.42 -26.70
N ALA B 323 -8.83 -7.37 -27.08
CA ALA B 323 -9.14 -8.51 -26.22
C ALA B 323 -7.88 -9.28 -25.82
N GLN B 324 -6.93 -9.37 -26.75
CA GLN B 324 -5.71 -10.14 -26.53
C GLN B 324 -4.90 -9.59 -25.35
N PHE B 325 -5.20 -8.37 -24.92
CA PHE B 325 -4.47 -7.83 -23.77
C PHE B 325 -4.73 -8.68 -22.54
N GLN B 326 -5.91 -9.29 -22.47
CA GLN B 326 -6.24 -10.15 -21.33
C GLN B 326 -5.34 -11.38 -21.31
N ALA B 327 -4.84 -11.75 -22.49
CA ALA B 327 -3.94 -12.89 -22.60
C ALA B 327 -2.62 -12.64 -21.87
N LEU B 328 -2.36 -11.39 -21.52
CA LEU B 328 -1.17 -11.08 -20.74
C LEU B 328 -1.29 -11.67 -19.33
N ASN B 329 -2.51 -11.90 -18.86
CA ASN B 329 -2.72 -12.41 -17.51
C ASN B 329 -2.23 -13.85 -17.31
N PRO B 330 -2.66 -14.80 -18.16
CA PRO B 330 -2.15 -16.15 -17.91
C PRO B 330 -0.66 -16.26 -18.21
N ILE B 331 -0.22 -15.58 -19.26
CA ILE B 331 1.18 -15.57 -19.65
C ILE B 331 2.09 -15.17 -18.49
N TRP B 332 1.78 -14.03 -17.89
CA TRP B 332 2.57 -13.54 -16.75
C TRP B 332 2.54 -14.52 -15.59
N ILE B 333 1.43 -15.22 -15.42
CA ILE B 333 1.30 -16.21 -14.37
C ILE B 333 2.27 -17.36 -14.65
N MET B 334 2.33 -17.78 -15.92
CA MET B 334 3.21 -18.85 -16.33
C MET B 334 4.67 -18.39 -16.28
N VAL B 335 4.89 -17.09 -16.46
CA VAL B 335 6.23 -16.53 -16.50
C VAL B 335 6.78 -16.34 -15.08
N LEU B 336 5.93 -15.89 -14.16
CA LEU B 336 6.38 -15.58 -12.82
C LEU B 336 6.23 -16.75 -11.85
N SER B 337 5.57 -17.82 -12.30
CA SER B 337 5.44 -19.03 -11.50
C SER B 337 6.78 -19.68 -11.17
N PRO B 338 7.67 -19.85 -12.17
CA PRO B 338 8.94 -20.51 -11.82
C PRO B 338 9.84 -19.66 -10.92
N VAL B 339 9.62 -18.34 -10.92
CA VAL B 339 10.43 -17.43 -10.12
C VAL B 339 10.01 -17.50 -8.66
N LEU B 340 8.70 -17.60 -8.44
CA LEU B 340 8.14 -17.68 -7.09
C LEU B 340 8.43 -19.03 -6.44
N ALA B 341 8.75 -20.03 -7.25
CA ALA B 341 9.09 -21.36 -6.73
C ALA B 341 10.37 -21.30 -5.91
N TRP B 342 11.19 -20.28 -6.19
CA TRP B 342 12.49 -20.13 -5.57
C TRP B 342 12.38 -19.43 -4.21
N ILE B 356 1.53 -16.50 7.89
CA ILE B 356 1.81 -16.13 6.51
C ILE B 356 0.49 -15.91 5.75
N ALA B 357 -0.39 -15.12 6.36
CA ALA B 357 -1.54 -14.57 5.66
C ALA B 357 -1.22 -13.13 5.28
N ALA B 358 0.03 -12.75 5.47
CA ALA B 358 0.52 -11.44 5.08
C ALA B 358 0.66 -11.38 3.57
N LYS B 359 0.70 -12.56 2.95
CA LYS B 359 0.75 -12.68 1.50
C LYS B 359 -0.49 -12.05 0.88
N PHE B 360 -1.56 -12.01 1.67
CA PHE B 360 -2.78 -11.29 1.29
C PHE B 360 -2.48 -9.80 1.11
N ALA B 361 -1.88 -9.21 2.15
CA ALA B 361 -1.51 -7.80 2.14
C ALA B 361 -0.60 -7.50 0.97
N LEU B 362 0.45 -8.30 0.82
CA LEU B 362 1.39 -8.16 -0.29
C LEU B 362 0.63 -8.18 -1.62
N GLY B 363 -0.30 -9.12 -1.75
CA GLY B 363 -1.14 -9.23 -2.93
C GLY B 363 -1.86 -7.92 -3.23
N PHE B 364 -2.62 -7.46 -2.25
CA PHE B 364 -3.39 -6.21 -2.37
C PHE B 364 -2.53 -5.00 -2.73
N ALA B 365 -1.34 -4.91 -2.13
CA ALA B 365 -0.42 -3.82 -2.42
C ALA B 365 0.09 -3.87 -3.86
N VAL B 366 0.46 -5.07 -4.30
CA VAL B 366 0.98 -5.24 -5.65
C VAL B 366 -0.11 -4.90 -6.67
N VAL B 367 -1.33 -5.39 -6.43
CA VAL B 367 -2.49 -5.04 -7.25
C VAL B 367 -2.67 -3.53 -7.25
N ALA B 368 -2.51 -2.92 -6.09
CA ALA B 368 -2.64 -1.47 -5.93
C ALA B 368 -1.72 -0.75 -6.92
N ILE B 369 -0.42 -1.04 -6.84
CA ILE B 369 0.52 -0.36 -7.73
C ILE B 369 0.28 -0.76 -9.19
N GLY B 370 -0.38 -1.89 -9.41
CA GLY B 370 -0.82 -2.24 -10.75
C GLY B 370 -1.81 -1.19 -11.24
N PHE B 371 -2.83 -0.96 -10.42
CA PHE B 371 -3.87 0.03 -10.73
C PHE B 371 -3.29 1.44 -10.82
N PHE B 372 -2.16 1.65 -10.15
CA PHE B 372 -1.48 2.93 -10.23
C PHE B 372 -0.71 3.05 -11.54
N ILE B 373 -0.20 1.91 -12.03
CA ILE B 373 0.44 1.87 -13.34
C ILE B 373 -0.62 2.24 -14.39
N TYR B 374 -1.78 1.61 -14.30
CA TYR B 374 -2.90 1.97 -15.18
C TYR B 374 -3.34 3.42 -14.97
N GLY B 375 -3.18 3.90 -13.74
CA GLY B 375 -3.57 5.26 -13.39
C GLY B 375 -2.55 6.25 -13.89
N PHE B 376 -1.28 5.86 -13.85
CA PHE B 376 -0.19 6.72 -14.30
C PHE B 376 -0.01 6.57 -15.80
N ALA B 377 -0.94 5.89 -16.44
CA ALA B 377 -0.92 5.69 -17.89
C ALA B 377 -1.21 7.01 -18.60
N GLY B 378 -1.81 7.95 -17.89
CA GLY B 378 -2.15 9.24 -18.45
C GLY B 378 -0.98 10.21 -18.52
N GLN B 379 -0.25 10.33 -17.42
CA GLN B 379 0.84 11.30 -17.34
C GLN B 379 1.98 11.00 -18.33
N PHE B 380 2.07 9.75 -18.79
CA PHE B 380 3.10 9.39 -19.76
C PHE B 380 2.56 8.46 -20.84
N ALA B 381 3.24 8.43 -21.98
CA ALA B 381 2.83 7.64 -23.14
C ALA B 381 1.37 7.86 -23.49
N VAL B 382 1.05 9.07 -23.96
CA VAL B 382 -0.34 9.43 -24.27
C VAL B 382 -0.43 10.32 -25.51
N ASN B 383 -1.24 9.87 -26.47
CA ASN B 383 -1.51 10.60 -27.69
C ASN B 383 -3.01 10.60 -27.94
N GLY B 384 -3.77 10.79 -26.87
CA GLY B 384 -5.17 10.38 -26.86
C GLY B 384 -5.23 8.94 -26.40
N LYS B 385 -5.41 8.02 -27.36
CA LYS B 385 -5.38 6.61 -27.03
C LYS B 385 -3.97 6.03 -27.23
N THR B 386 -3.22 5.94 -26.14
CA THR B 386 -1.85 5.40 -26.19
C THR B 386 -1.41 4.90 -24.82
N SER B 387 -0.68 3.77 -24.83
CA SER B 387 -0.11 3.16 -23.62
C SER B 387 0.70 1.94 -24.01
N SER B 388 -0.01 0.90 -24.46
CA SER B 388 0.58 -0.38 -24.89
C SER B 388 1.30 -1.09 -23.75
N TRP B 389 2.45 -0.56 -23.35
CA TRP B 389 3.25 -1.19 -22.30
C TRP B 389 2.58 -1.12 -20.94
N VAL B 390 1.70 -0.12 -20.78
CA VAL B 390 0.93 0.04 -19.56
C VAL B 390 0.13 -1.22 -19.29
N MET B 391 -0.40 -1.81 -20.37
CA MET B 391 -1.14 -3.07 -20.26
C MET B 391 -0.21 -4.20 -19.82
N ILE B 392 1.03 -4.19 -20.30
CA ILE B 392 1.97 -5.27 -20.03
C ILE B 392 2.47 -5.27 -18.59
N TRP B 393 2.98 -4.13 -18.13
CA TRP B 393 3.46 -4.05 -16.75
C TRP B 393 2.29 -4.04 -15.77
N GLY B 394 1.18 -3.44 -16.20
CA GLY B 394 -0.04 -3.43 -15.40
C GLY B 394 -0.46 -4.85 -15.14
N TYR B 395 -0.64 -5.62 -16.21
CA TYR B 395 -1.03 -7.02 -16.08
C TYR B 395 0.04 -7.84 -15.38
N ALA B 396 1.30 -7.44 -15.49
CA ALA B 396 2.38 -8.13 -14.80
C ALA B 396 2.17 -8.04 -13.30
N SER B 397 2.07 -6.81 -12.82
CA SER B 397 1.86 -6.54 -11.40
C SER B 397 0.58 -7.21 -10.91
N TYR B 398 -0.52 -6.91 -11.59
CA TYR B 398 -1.82 -7.44 -11.22
C TYR B 398 -1.87 -8.96 -11.17
N SER B 399 -1.32 -9.61 -12.19
CA SER B 399 -1.32 -11.08 -12.27
C SER B 399 -0.42 -11.70 -11.22
N LEU B 400 0.71 -11.05 -10.93
CA LEU B 400 1.56 -11.49 -9.82
C LEU B 400 0.74 -11.45 -8.53
N GLY B 401 0.02 -10.35 -8.35
CA GLY B 401 -0.88 -10.19 -7.22
C GLY B 401 -1.88 -11.33 -7.15
N GLU B 402 -2.33 -11.79 -8.33
CA GLU B 402 -3.21 -12.95 -8.38
C GLU B 402 -2.49 -14.20 -7.89
N LEU B 403 -1.26 -14.39 -8.35
CA LEU B 403 -0.48 -15.57 -8.01
C LEU B 403 -0.20 -15.68 -6.51
N LEU B 404 -0.06 -14.54 -5.85
CA LEU B 404 0.31 -14.54 -4.43
C LEU B 404 -0.78 -15.07 -3.51
N VAL B 405 -2.03 -15.00 -3.95
CA VAL B 405 -3.15 -15.43 -3.11
C VAL B 405 -3.81 -16.72 -3.60
N SER B 406 -3.01 -17.79 -3.71
CA SER B 406 -3.51 -19.09 -4.13
C SER B 406 -4.40 -19.73 -3.06
N GLY B 407 -4.21 -19.33 -1.81
CA GLY B 407 -4.92 -19.91 -0.69
C GLY B 407 -6.26 -19.28 -0.37
N LEU B 408 -7.20 -19.36 -1.31
CA LEU B 408 -8.55 -18.84 -1.10
C LEU B 408 -9.48 -19.88 -0.47
N GLY B 409 -8.97 -21.10 -0.32
CA GLY B 409 -9.72 -22.23 0.21
C GLY B 409 -10.73 -21.93 1.29
N LEU B 410 -11.92 -22.52 1.18
CA LEU B 410 -12.99 -22.28 2.14
C LEU B 410 -12.60 -22.73 3.55
N ALA B 411 -11.77 -23.77 3.62
CA ALA B 411 -11.32 -24.31 4.89
C ALA B 411 -10.22 -23.44 5.51
N MET B 412 -9.64 -22.56 4.68
CA MET B 412 -8.58 -21.68 5.15
C MET B 412 -9.12 -20.61 6.09
N ILE B 413 -10.30 -20.08 5.77
CA ILE B 413 -10.95 -19.12 6.66
C ILE B 413 -11.66 -19.85 7.80
N ALA B 414 -11.83 -21.17 7.63
CA ALA B 414 -12.46 -21.98 8.66
C ALA B 414 -11.59 -22.05 9.90
N ARG B 415 -11.69 -21.00 10.73
CA ARG B 415 -10.96 -20.94 11.99
C ARG B 415 -11.92 -21.19 13.15
N TYR B 416 -13.21 -21.26 12.83
CA TYR B 416 -14.24 -21.51 13.83
C TYR B 416 -14.72 -22.96 13.79
N PHE B 424 -20.85 -23.72 8.04
CA PHE B 424 -21.72 -22.65 7.57
C PHE B 424 -20.91 -21.57 6.84
N MET B 425 -19.87 -21.07 7.51
CA MET B 425 -18.99 -20.07 6.91
C MET B 425 -18.35 -20.65 5.66
N MET B 426 -18.05 -21.94 5.72
CA MET B 426 -17.52 -22.66 4.57
C MET B 426 -18.49 -22.65 3.40
N GLY B 427 -19.78 -22.47 3.71
CA GLY B 427 -20.80 -22.37 2.70
C GLY B 427 -21.01 -20.94 2.22
N ALA B 428 -21.32 -20.06 3.16
CA ALA B 428 -21.55 -18.64 2.87
C ALA B 428 -20.40 -17.99 2.12
N TYR B 429 -19.18 -18.43 2.42
CA TYR B 429 -17.98 -17.92 1.74
C TYR B 429 -18.10 -18.06 0.22
N PHE B 430 -18.63 -19.20 -0.22
CA PHE B 430 -18.80 -19.50 -1.63
C PHE B 430 -19.73 -18.47 -2.32
N VAL B 431 -20.92 -18.32 -1.75
CA VAL B 431 -21.92 -17.41 -2.30
C VAL B 431 -21.38 -15.98 -2.30
N ALA B 432 -20.69 -15.62 -1.21
CA ALA B 432 -20.03 -14.32 -1.13
C ALA B 432 -19.06 -14.14 -2.29
N SER B 433 -18.30 -15.21 -2.57
CA SER B 433 -17.37 -15.21 -3.70
C SER B 433 -18.12 -15.13 -5.02
N GLY B 434 -19.41 -15.42 -4.99
CA GLY B 434 -20.25 -15.22 -6.17
C GLY B 434 -20.67 -13.77 -6.33
N ILE B 435 -21.17 -13.20 -5.25
CA ILE B 435 -21.66 -11.82 -5.22
C ILE B 435 -20.55 -10.83 -5.58
N SER B 436 -19.34 -11.15 -5.11
CA SER B 436 -18.16 -10.33 -5.35
C SER B 436 -18.02 -9.92 -6.81
N GLN B 437 -18.23 -10.88 -7.71
CA GLN B 437 -18.12 -10.66 -9.15
C GLN B 437 -19.07 -9.56 -9.63
N TYR B 438 -20.35 -9.73 -9.33
CA TYR B 438 -21.39 -8.77 -9.67
C TYR B 438 -21.01 -7.38 -9.17
N LEU B 439 -20.65 -7.32 -7.89
CA LEU B 439 -20.18 -6.08 -7.29
C LEU B 439 -19.03 -5.47 -8.11
N GLY B 440 -18.11 -6.32 -8.57
CA GLY B 440 -17.01 -5.89 -9.40
C GLY B 440 -17.52 -5.22 -10.66
N GLY B 441 -18.61 -5.77 -11.20
CA GLY B 441 -19.26 -5.17 -12.35
C GLY B 441 -19.76 -3.78 -12.05
N VAL B 442 -20.48 -3.64 -10.94
CA VAL B 442 -21.05 -2.33 -10.59
C VAL B 442 -19.95 -1.34 -10.24
N VAL B 443 -18.77 -1.85 -9.89
CA VAL B 443 -17.61 -1.02 -9.62
C VAL B 443 -17.06 -0.50 -10.93
N ALA B 444 -16.96 -1.42 -11.90
CA ALA B 444 -16.48 -1.06 -13.23
C ALA B 444 -17.42 -0.08 -13.91
N ASN B 445 -18.67 -0.04 -13.45
CA ASN B 445 -19.64 0.92 -13.99
C ASN B 445 -19.33 2.38 -13.65
N PHE B 446 -18.43 2.61 -12.70
CA PHE B 446 -18.02 3.98 -12.38
C PHE B 446 -17.21 4.57 -13.52
N ALA B 447 -16.76 3.70 -14.42
CA ALA B 447 -16.04 4.12 -15.61
C ALA B 447 -16.89 3.84 -16.85
N SER B 448 -18.17 4.17 -16.75
CA SER B 448 -19.09 3.97 -17.85
C SER B 448 -18.91 5.05 -18.91
N VAL B 449 -18.55 4.64 -20.12
CA VAL B 449 -18.44 5.59 -21.22
C VAL B 449 -19.72 5.60 -22.03
N PRO B 450 -20.45 6.73 -21.98
CA PRO B 450 -21.65 6.90 -22.81
C PRO B 450 -21.32 6.68 -24.27
N GLN B 451 -22.26 6.13 -25.04
CA GLN B 451 -21.95 5.70 -26.40
C GLN B 451 -21.66 6.87 -27.33
N ASP B 452 -22.25 8.03 -27.04
CA ASP B 452 -22.08 9.18 -27.94
C ASP B 452 -20.78 9.92 -27.66
N LEU B 453 -19.91 9.28 -26.90
CA LEU B 453 -18.59 9.82 -26.57
C LEU B 453 -17.50 8.87 -27.05
N VAL B 454 -16.85 9.22 -28.15
CA VAL B 454 -15.85 8.34 -28.74
C VAL B 454 -14.50 9.05 -28.79
N ASP B 455 -14.49 10.30 -28.33
CA ASP B 455 -13.26 11.09 -28.27
C ASP B 455 -12.40 10.62 -27.09
N PRO B 456 -11.38 9.80 -27.38
CA PRO B 456 -10.59 9.11 -26.34
C PRO B 456 -9.91 10.08 -25.40
N LEU B 457 -9.67 11.31 -25.88
CA LEU B 457 -9.05 12.35 -25.08
C LEU B 457 -9.89 12.70 -23.86
N GLN B 458 -11.18 12.36 -23.92
CA GLN B 458 -12.11 12.61 -22.83
C GLN B 458 -12.41 11.34 -22.06
N THR B 459 -12.23 10.19 -22.72
CA THR B 459 -12.51 8.90 -22.10
C THR B 459 -11.38 8.47 -21.17
N LEU B 460 -10.14 8.80 -21.54
CA LEU B 460 -8.98 8.41 -20.75
C LEU B 460 -9.08 8.78 -19.25
N PRO B 461 -9.51 10.02 -18.92
CA PRO B 461 -9.56 10.33 -17.49
C PRO B 461 -10.53 9.48 -16.69
N VAL B 462 -11.72 9.26 -17.22
CA VAL B 462 -12.76 8.54 -16.47
C VAL B 462 -12.32 7.10 -16.21
N TYR B 463 -11.41 6.59 -17.04
CA TYR B 463 -10.80 5.29 -16.79
C TYR B 463 -9.70 5.37 -15.74
N THR B 464 -8.83 6.37 -15.87
CA THR B 464 -7.70 6.50 -14.95
C THR B 464 -8.13 7.00 -13.58
N ASN B 465 -9.33 7.57 -13.49
CA ASN B 465 -9.87 8.00 -12.20
C ASN B 465 -10.38 6.81 -11.41
N LEU B 466 -11.07 5.89 -12.08
CA LEU B 466 -11.44 4.63 -11.46
C LEU B 466 -10.18 3.90 -11.02
N PHE B 467 -9.24 3.79 -11.96
CA PHE B 467 -8.01 3.04 -11.73
C PHE B 467 -7.16 3.64 -10.62
N ASN B 468 -7.13 4.96 -10.53
CA ASN B 468 -6.38 5.62 -9.46
C ASN B 468 -7.09 5.44 -8.12
N LYS B 469 -8.41 5.34 -8.15
CA LYS B 469 -9.17 5.13 -6.92
C LYS B 469 -9.09 3.69 -6.44
N LEU B 470 -9.09 2.75 -7.38
CA LEU B 470 -9.00 1.34 -7.04
C LEU B 470 -7.63 1.03 -6.44
N GLY B 471 -6.60 1.69 -6.97
CA GLY B 471 -5.25 1.54 -6.46
C GLY B 471 -5.21 1.89 -4.98
N VAL B 472 -5.93 2.95 -4.63
CA VAL B 472 -5.97 3.41 -3.24
C VAL B 472 -6.76 2.43 -2.38
N ALA B 473 -7.91 2.00 -2.88
CA ALA B 473 -8.75 1.02 -2.20
C ALA B 473 -7.96 -0.25 -1.88
N ALA B 474 -7.20 -0.71 -2.84
CA ALA B 474 -6.38 -1.91 -2.67
C ALA B 474 -5.35 -1.73 -1.56
N VAL B 475 -4.88 -0.49 -1.37
CA VAL B 475 -3.93 -0.19 -0.31
C VAL B 475 -4.60 -0.28 1.06
N VAL B 476 -5.87 0.13 1.11
CA VAL B 476 -6.64 0.03 2.34
C VAL B 476 -6.81 -1.44 2.69
N CYS B 477 -7.07 -2.23 1.66
CA CYS B 477 -7.20 -3.68 1.79
C CYS B 477 -5.88 -4.29 2.28
N THR B 478 -4.77 -3.71 1.84
CA THR B 478 -3.44 -4.14 2.29
C THR B 478 -3.27 -3.90 3.78
N ILE B 479 -3.74 -2.75 4.24
CA ILE B 479 -3.65 -2.38 5.65
C ILE B 479 -4.51 -3.28 6.51
N ILE B 480 -5.72 -3.55 6.03
CA ILE B 480 -6.66 -4.44 6.71
C ILE B 480 -6.04 -5.81 6.94
N ALA B 481 -5.39 -6.34 5.91
CA ALA B 481 -4.79 -7.67 5.97
C ALA B 481 -3.75 -7.77 7.08
N LEU B 482 -2.87 -6.78 7.16
CA LEU B 482 -1.81 -6.77 8.17
C LEU B 482 -2.38 -6.41 9.55
N ALA B 483 -3.49 -5.68 9.56
CA ALA B 483 -4.11 -5.26 10.82
C ALA B 483 -4.84 -6.41 11.50
N VAL B 484 -5.38 -7.31 10.70
CA VAL B 484 -6.11 -8.46 11.22
C VAL B 484 -5.17 -9.63 11.47
N LEU B 485 -3.90 -9.45 11.13
CA LEU B 485 -2.89 -10.50 11.28
C LEU B 485 -2.60 -10.92 12.73
N PRO B 486 -2.67 -9.99 13.70
CA PRO B 486 -2.50 -10.47 15.07
C PRO B 486 -3.61 -11.43 15.53
N LEU B 487 -4.80 -11.30 14.95
CA LEU B 487 -5.91 -12.17 15.32
C LEU B 487 -5.66 -13.62 14.89
N MET B 488 -4.70 -13.81 13.99
CA MET B 488 -4.31 -15.16 13.57
C MET B 488 -3.32 -15.75 14.55
N ARG B 489 -2.61 -14.88 15.27
CA ARG B 489 -1.64 -15.31 16.28
C ARG B 489 -2.35 -15.69 17.57
N ARG B 490 -3.53 -15.11 17.79
CA ARG B 490 -4.28 -15.35 19.02
C ARG B 490 -4.85 -16.76 19.08
N LEU B 491 -5.40 -17.23 17.95
CA LEU B 491 -6.03 -18.54 17.91
C LEU B 491 -5.03 -19.68 18.10
N THR B 492 -3.84 -19.52 17.51
CA THR B 492 -2.80 -20.53 17.62
C THR B 492 -2.14 -20.51 19.00
N ALA C 1 7.64 12.33 19.56
CA ALA C 1 8.21 12.89 18.41
C ALA C 1 9.64 13.33 18.70
N DBY C 2 10.74 12.43 18.45
CA DBY C 2 12.09 12.76 18.69
C DBY C 2 12.59 13.60 17.51
O DBY C 2 11.82 13.84 16.60
CB DBY C 2 12.90 11.47 18.70
CG DBY C 2 12.42 10.45 17.68
CD1 DBY C 2 12.19 9.14 18.06
CE1 DBY C 2 11.75 8.21 17.13
CD2 DBY C 2 12.19 10.82 16.35
CE2 DBY C 2 11.75 9.90 15.42
CZ DBY C 2 11.52 8.59 15.80
OH DBY C 2 11.08 7.64 14.85
BR1 DBY C 2 11.44 6.40 17.66
BR2 DBY C 2 11.45 10.45 13.61
N ALA C 3 13.92 14.08 17.44
CA ALA C 3 14.29 14.85 16.28
C ALA C 3 15.53 14.29 15.65
ZN ZN D . -4.26 9.33 -6.38
C1B LMT E . -7.42 33.38 18.26
C2B LMT E . -8.93 33.25 18.38
C3B LMT E . -9.55 33.32 17.00
C4B LMT E . -9.04 34.55 16.28
C5B LMT E . -7.52 34.57 16.33
C6B LMT E . -7.04 35.84 15.62
O1B LMT E . -6.88 32.28 17.57
O2B LMT E . -9.25 32.00 18.95
O3B LMT E . -10.94 33.41 17.14
O4' LMT E . -9.47 34.51 14.95
O5B LMT E . -7.09 34.60 17.65
O6B LMT E . -7.37 36.96 16.41
C1' LMT E . -4.63 29.18 19.04
C2' LMT E . -5.49 29.88 20.07
C3' LMT E . -6.48 30.86 19.46
C4' LMT E . -5.87 31.66 18.33
C5' LMT E . -5.10 30.72 17.43
C6' LMT E . -4.53 31.47 16.24
O1' LMT E . -3.59 28.51 19.71
O2' LMT E . -6.22 28.91 20.79
O3' LMT E . -6.89 31.72 20.51
O5' LMT E . -4.06 30.12 18.16
O6' LMT E . -3.80 32.60 16.68
C1 LMT E . -3.27 29.08 20.97
C2 LMT E . -3.18 27.98 22.02
C3 LMT E . -2.02 28.28 22.95
C4 LMT E . -2.08 27.39 24.19
C5 LMT E . -2.11 25.93 23.78
C6 LMT E . -2.50 25.08 24.97
C7 LMT E . -1.57 23.90 25.09
C8 LMT E . -2.34 22.71 25.60
C9 LMT E . -1.41 21.50 25.70
C10 LMT E . -0.69 21.53 27.03
C11 LMT E . 0.27 20.38 27.10
C12 LMT E . 1.24 20.62 28.23
C1B LMT F . -2.05 -8.42 -37.84
C2B LMT F . -0.67 -7.96 -38.28
C3B LMT F . -0.57 -6.45 -38.37
C4B LMT F . -1.76 -5.91 -39.13
C5B LMT F . -3.03 -6.44 -38.49
C6B LMT F . -4.21 -5.82 -39.20
O1B LMT F . -2.26 -8.21 -36.46
O2B LMT F . 0.31 -8.41 -37.38
O3B LMT F . 0.62 -6.10 -39.04
O4' LMT F . -1.75 -4.50 -39.07
O5B LMT F . -3.06 -7.83 -38.63
O6B LMT F . -4.20 -6.20 -40.56
C1' LMT F . -2.72 -10.98 -33.46
C2' LMT F . -1.67 -11.33 -34.49
C3' LMT F . -1.36 -10.19 -35.43
C4' LMT F . -2.61 -9.43 -35.83
C5' LMT F . -3.44 -9.15 -34.60
C6' LMT F . -4.64 -8.31 -34.97
O1' LMT F . -3.12 -12.16 -32.79
O2' LMT F . -0.48 -11.69 -33.84
O3' LMT F . -0.75 -10.75 -36.57
O5' LMT F . -3.85 -10.39 -34.06
O6' LMT F . -5.81 -9.09 -34.99
C1 LMT F . -2.79 -13.37 -33.42
C2 LMT F . -2.07 -14.28 -32.45
C3 LMT F . -2.70 -15.66 -32.47
C4 LMT F . -1.64 -16.74 -32.30
C5 LMT F . -1.44 -17.03 -30.83
C6 LMT F . -0.32 -18.05 -30.65
C7 LMT F . -0.80 -19.19 -29.79
C8 LMT F . 0.30 -19.63 -28.85
C9 LMT F . 1.24 -20.58 -29.56
C10 LMT F . 0.45 -21.63 -30.30
C11 LMT F . 1.37 -22.76 -30.72
C12 LMT F . 0.63 -23.69 -31.66
#